data_2V5C
#
_entry.id   2V5C
#
_cell.length_a   130.385
_cell.length_b   150.046
_cell.length_c   155.428
_cell.angle_alpha   90.00
_cell.angle_beta   90.00
_cell.angle_gamma   90.00
#
_symmetry.space_group_name_H-M   'I 21 21 21'
#
loop_
_entity.id
_entity.type
_entity.pdbx_description
1 polymer 'O-GLCNACASE NAGJ'
2 non-polymer 'CALCIUM ION'
3 non-polymer 'CACODYLATE ION'
4 non-polymer 'SODIUM ION'
5 water water
#
_entity_poly.entity_id   1
_entity_poly.type   'polypeptide(L)'
_entity_poly.pdbx_seq_one_letter_code
;VGPKTGEENQVLVPNLNPTPENLEVVGDGFKITSSINLVGEEEADENAVNALREFLTANNIEINSENDPNSTTLIIGEVD
DDIPELDEALNGTTAENLKEEGYALVSNDGKIAIEGKDGDGTFYGVQTFKQLVKESNIPEVNITDYPTVSARGIVEGFYG
TPWTHQDRLDQIKFYGENKLNTYIYAPKDDPYHREKWREPYPESEMQRMQELINASAENKVDFVFGISPGIDIRFDGDAG
EEDFNHLITKAESLYDMGVRSFAIYWDDIQDKSAAKHAQVLNRFNEEFVKAKGDVKPLITVPTEYDTGAMVSNGQPRAYT
RIFAETVDPSIEVMWTGPGVVTNEIPLSDAQLISGIYNRNMAVWWNYPVTDYFKGKLALGPMHGLDKGLNQYVDFFTVNP
MEHAELSKISIHTAADYSWNMDNYDYDKAWNRAIDMLYGDLAEDMKVFANHSTRMDNKTWAKSGREDAPELRAKMDELWN
KLSSKEDASALIEELYGEFARMEEACNNLKANLPEVALEECSRQLDELITLAQGDKASLDMIVAQLNEDTEAYESAKEIA
QNKLNTALSSFAVISEKVAQSFIQEALSFDLTLI
;
_entity_poly.pdbx_strand_id   A,B
#
loop_
_chem_comp.id
_chem_comp.type
_chem_comp.name
_chem_comp.formula
CA non-polymer 'CALCIUM ION' 'Ca 2'
CAC non-polymer 'CACODYLATE ION' 'C2 H6 As O2 -1'
NA non-polymer 'SODIUM ION' 'Na 1'
#
# COMPACT_ATOMS: atom_id res chain seq x y z
N VAL A 11 -0.63 47.36 -15.35
CA VAL A 11 -1.50 46.16 -15.59
C VAL A 11 -0.68 44.85 -15.59
N LEU A 12 -1.14 43.90 -14.78
CA LEU A 12 -0.44 42.64 -14.55
C LEU A 12 -0.56 41.70 -15.75
N VAL A 13 0.33 40.72 -15.84
CA VAL A 13 0.21 39.64 -16.82
C VAL A 13 -0.82 38.60 -16.33
N PRO A 14 -1.90 38.39 -17.10
CA PRO A 14 -2.89 37.38 -16.74
C PRO A 14 -2.26 35.98 -16.78
N ASN A 15 -3.01 34.99 -16.34
CA ASN A 15 -2.65 33.58 -16.58
C ASN A 15 -2.54 33.31 -18.07
N LEU A 16 -1.49 32.59 -18.44
CA LEU A 16 -1.25 32.21 -19.83
C LEU A 16 -1.06 30.71 -19.95
N ASN A 17 -1.64 30.12 -20.99
CA ASN A 17 -1.36 28.74 -21.32
C ASN A 17 -1.34 28.52 -22.81
N PRO A 18 -0.27 27.90 -23.34
CA PRO A 18 0.97 27.49 -22.64
C PRO A 18 1.81 28.67 -22.12
N THR A 19 2.77 28.38 -21.23
CA THR A 19 3.71 29.40 -20.78
C THR A 19 4.62 29.79 -21.95
N PRO A 20 4.61 31.07 -22.35
CA PRO A 20 5.53 31.51 -23.40
C PRO A 20 6.99 31.27 -23.01
N GLU A 21 7.81 30.87 -23.98
CA GLU A 21 9.24 30.67 -23.77
C GLU A 21 9.91 31.88 -23.13
N ASN A 22 9.68 33.07 -23.71
CA ASN A 22 10.29 34.30 -23.23
C ASN A 22 9.25 35.40 -23.03
N LEU A 23 9.24 36.02 -21.87
CA LEU A 23 8.30 37.08 -21.57
C LEU A 23 8.97 38.09 -20.67
N GLU A 24 9.02 39.33 -21.13
CA GLU A 24 9.57 40.44 -20.35
C GLU A 24 8.52 41.54 -20.24
N VAL A 25 8.25 41.97 -19.01
CA VAL A 25 7.38 43.13 -18.79
C VAL A 25 8.19 44.41 -19.00
N VAL A 26 7.76 45.18 -20.00
CA VAL A 26 8.57 46.24 -20.56
C VAL A 26 7.98 47.64 -20.31
N GLY A 27 6.74 47.68 -19.79
CA GLY A 27 6.03 48.93 -19.50
C GLY A 27 4.96 48.74 -18.43
N ASP A 28 4.19 49.81 -18.19
CA ASP A 28 3.14 49.80 -17.17
C ASP A 28 1.86 49.13 -17.66
N GLY A 29 1.73 48.95 -18.97
CA GLY A 29 0.50 48.47 -19.58
C GLY A 29 -0.31 49.62 -20.14
N PHE A 30 -1.18 49.33 -21.10
CA PHE A 30 -2.08 50.36 -21.64
C PHE A 30 -3.48 49.85 -21.95
N LYS A 31 -4.40 50.79 -22.14
CA LYS A 31 -5.78 50.46 -22.46
C LYS A 31 -5.99 50.56 -23.96
N ILE A 32 -6.45 49.47 -24.55
CA ILE A 32 -6.83 49.45 -25.96
C ILE A 32 -8.04 50.37 -26.15
N THR A 33 -7.99 51.16 -27.23
CA THR A 33 -9.04 52.14 -27.57
C THR A 33 -10.30 51.44 -28.10
N SER A 34 -11.44 52.13 -28.04
CA SER A 34 -12.73 51.56 -28.46
C SER A 34 -12.75 51.09 -29.91
N SER A 35 -11.92 51.73 -30.72
CA SER A 35 -11.73 51.38 -32.12
C SER A 35 -10.24 51.33 -32.39
N ILE A 36 -9.80 50.43 -33.27
CA ILE A 36 -8.36 50.25 -33.50
C ILE A 36 -7.93 50.33 -34.97
N ASN A 37 -6.64 50.63 -35.16
CA ASN A 37 -6.02 50.53 -36.46
C ASN A 37 -5.58 49.10 -36.71
N LEU A 38 -6.01 48.51 -37.82
CA LEU A 38 -5.55 47.18 -38.19
C LEU A 38 -4.62 47.24 -39.39
N VAL A 39 -3.38 46.79 -39.18
CA VAL A 39 -2.34 46.84 -40.20
C VAL A 39 -1.85 45.42 -40.49
N GLY A 40 -2.01 44.97 -41.72
CA GLY A 40 -1.42 43.73 -42.16
C GLY A 40 -2.36 42.60 -42.47
N GLU A 41 -3.66 42.81 -42.31
CA GLU A 41 -4.61 41.69 -42.31
C GLU A 41 -4.69 41.04 -43.69
N GLU A 42 -4.37 41.83 -44.70
CA GLU A 42 -4.35 41.40 -46.10
C GLU A 42 -3.25 40.39 -46.38
N GLU A 43 -2.13 40.51 -45.67
CA GLU A 43 -1.00 39.61 -45.85
C GLU A 43 -1.07 38.43 -44.89
N ALA A 44 -1.41 38.71 -43.64
CA ALA A 44 -1.20 37.77 -42.55
C ALA A 44 -2.07 36.53 -42.70
N ASP A 45 -1.75 35.49 -41.93
CA ASP A 45 -2.44 34.21 -42.03
C ASP A 45 -3.95 34.38 -41.86
N GLU A 46 -4.70 33.92 -42.85
CA GLU A 46 -6.15 34.08 -42.86
C GLU A 46 -6.80 33.55 -41.56
N ASN A 47 -6.52 32.29 -41.21
CA ASN A 47 -7.03 31.69 -39.96
C ASN A 47 -6.69 32.50 -38.71
N ALA A 48 -5.48 33.08 -38.70
CA ALA A 48 -5.01 33.95 -37.63
C ALA A 48 -5.77 35.27 -37.55
N VAL A 49 -6.07 35.85 -38.72
CA VAL A 49 -6.83 37.10 -38.81
C VAL A 49 -8.28 36.87 -38.37
N ASN A 50 -8.86 35.77 -38.85
CA ASN A 50 -10.22 35.36 -38.48
C ASN A 50 -10.40 35.19 -36.98
N ALA A 51 -9.37 34.64 -36.33
CA ALA A 51 -9.35 34.48 -34.88
C ALA A 51 -9.26 35.85 -34.18
N LEU A 52 -8.47 36.76 -34.74
CA LEU A 52 -8.39 38.13 -34.22
C LEU A 52 -9.74 38.85 -34.33
N ARG A 53 -10.33 38.82 -35.53
CA ARG A 53 -11.63 39.46 -35.78
C ARG A 53 -12.72 38.95 -34.86
N GLU A 54 -12.73 37.64 -34.61
CA GLU A 54 -13.70 36.99 -33.70
C GLU A 54 -13.55 37.52 -32.27
N PHE A 55 -12.30 37.68 -31.85
CA PHE A 55 -12.01 38.22 -30.53
C PHE A 55 -12.52 39.64 -30.41
N LEU A 56 -12.08 40.50 -31.32
CA LEU A 56 -12.43 41.92 -31.33
C LEU A 56 -13.92 42.14 -31.31
N THR A 57 -14.66 41.32 -32.04
CA THR A 57 -16.11 41.38 -32.05
C THR A 57 -16.66 41.02 -30.67
N ALA A 58 -16.30 39.84 -30.17
CA ALA A 58 -16.75 39.36 -28.86
C ALA A 58 -16.42 40.33 -27.73
N ASN A 59 -15.41 41.17 -27.95
CA ASN A 59 -14.97 42.14 -26.95
C ASN A 59 -15.36 43.59 -27.21
N ASN A 60 -16.15 43.82 -28.27
CA ASN A 60 -16.66 45.16 -28.58
C ASN A 60 -15.54 46.14 -28.97
N ILE A 61 -14.59 45.67 -29.77
CA ILE A 61 -13.50 46.49 -30.29
C ILE A 61 -13.66 46.60 -31.80
N GLU A 62 -13.99 47.80 -32.27
CA GLU A 62 -14.20 48.05 -33.70
C GLU A 62 -12.88 48.27 -34.43
N ILE A 63 -12.90 48.00 -35.73
CA ILE A 63 -11.77 48.25 -36.60
C ILE A 63 -12.06 49.53 -37.37
N ASN A 64 -11.10 50.45 -37.37
CA ASN A 64 -11.20 51.69 -38.14
C ASN A 64 -11.13 51.40 -39.62
N SER A 65 -11.99 52.07 -40.38
CA SER A 65 -11.92 52.01 -41.84
C SER A 65 -10.75 52.85 -42.33
N GLU A 66 -10.36 53.84 -41.52
CA GLU A 66 -9.25 54.74 -41.83
C GLU A 66 -8.34 54.93 -40.64
N ASN A 67 -7.03 54.98 -40.89
CA ASN A 67 -6.03 55.14 -39.84
C ASN A 67 -6.20 56.43 -39.03
N ASP A 68 -6.24 56.27 -37.71
CA ASP A 68 -6.30 57.40 -36.78
C ASP A 68 -5.17 57.22 -35.77
N PRO A 69 -4.19 58.17 -35.73
CA PRO A 69 -3.02 58.03 -34.85
C PRO A 69 -3.33 58.07 -33.34
N ASN A 70 -4.59 58.34 -33.00
CA ASN A 70 -5.04 58.29 -31.61
C ASN A 70 -5.51 56.89 -31.20
N SER A 71 -5.86 56.07 -32.20
CA SER A 71 -6.29 54.70 -31.97
C SER A 71 -5.10 53.79 -31.67
N THR A 72 -5.38 52.71 -30.95
CA THR A 72 -4.43 51.62 -30.75
C THR A 72 -4.12 51.05 -32.14
N THR A 73 -2.85 50.71 -32.38
CA THR A 73 -2.48 50.04 -33.63
C THR A 73 -2.11 48.58 -33.37
N LEU A 74 -2.80 47.70 -34.10
CA LEU A 74 -2.53 46.27 -34.10
C LEU A 74 -1.91 45.91 -35.45
N ILE A 75 -0.63 45.54 -35.45
CA ILE A 75 0.06 45.11 -36.67
C ILE A 75 0.30 43.60 -36.64
N ILE A 76 -0.21 42.92 -37.66
CA ILE A 76 -0.10 41.46 -37.78
C ILE A 76 0.53 41.03 -39.11
N GLY A 77 1.39 40.01 -39.05
CA GLY A 77 1.96 39.41 -40.26
C GLY A 77 2.96 38.29 -40.00
N GLU A 78 3.56 37.77 -41.07
CA GLU A 78 4.60 36.75 -40.96
C GLU A 78 5.97 37.32 -41.26
N VAL A 79 7.02 36.56 -40.93
CA VAL A 79 8.39 36.95 -41.27
C VAL A 79 8.57 37.21 -42.77
N ASP A 80 7.87 36.41 -43.61
CA ASP A 80 7.96 36.48 -45.07
C ASP A 80 7.51 37.81 -45.69
N ASP A 81 6.55 38.38 -45.03
CA ASP A 81 5.88 39.54 -45.49
C ASP A 81 6.79 40.68 -45.29
N ASP A 82 6.57 41.66 -46.13
CA ASP A 82 7.17 42.93 -45.97
C ASP A 82 6.14 43.92 -45.56
N ILE A 83 6.21 44.17 -44.28
CA ILE A 83 5.39 45.19 -43.60
C ILE A 83 6.29 46.05 -42.69
N PRO A 84 6.59 47.30 -43.12
CA PRO A 84 7.47 48.21 -42.34
C PRO A 84 6.89 48.63 -40.99
N GLU A 85 5.57 48.73 -40.90
CA GLU A 85 4.87 48.99 -39.65
C GLU A 85 5.09 47.87 -38.62
N LEU A 86 5.24 46.64 -39.12
CA LEU A 86 5.53 45.49 -38.28
C LEU A 86 6.94 45.60 -37.70
N ASP A 87 7.90 45.89 -38.57
CA ASP A 87 9.31 46.02 -38.18
C ASP A 87 9.50 47.17 -37.18
N GLU A 88 8.76 48.26 -37.38
CA GLU A 88 8.83 49.43 -36.51
C GLU A 88 8.30 49.11 -35.11
N ALA A 89 7.12 48.51 -35.06
CA ALA A 89 6.44 48.24 -33.79
C ALA A 89 7.11 47.16 -32.95
N LEU A 90 7.81 46.24 -33.61
CA LEU A 90 8.55 45.17 -32.93
C LEU A 90 9.81 45.67 -32.23
N ASN A 91 10.35 46.78 -32.73
CA ASN A 91 11.52 47.46 -32.13
C ASN A 91 12.68 46.49 -31.88
N GLY A 92 13.08 45.78 -32.92
CA GLY A 92 14.22 44.87 -32.87
C GLY A 92 13.91 43.42 -32.52
N THR A 93 12.68 43.15 -32.08
CA THR A 93 12.25 41.81 -31.72
C THR A 93 11.68 41.13 -32.94
N THR A 94 12.08 39.88 -33.19
CA THR A 94 11.66 39.18 -34.40
C THR A 94 11.44 37.67 -34.23
N ALA A 95 10.61 37.11 -35.12
CA ALA A 95 10.36 35.66 -35.20
C ALA A 95 11.26 34.97 -36.23
N GLU A 96 12.11 35.76 -36.91
CA GLU A 96 13.02 35.27 -37.96
C GLU A 96 13.83 34.03 -37.59
N ASN A 97 14.45 34.05 -36.41
CA ASN A 97 15.34 32.98 -35.98
C ASN A 97 14.63 31.79 -35.30
N LEU A 98 13.31 31.87 -35.17
CA LEU A 98 12.53 30.90 -34.40
C LEU A 98 12.14 29.66 -35.20
N LYS A 99 11.93 28.55 -34.50
CA LYS A 99 11.45 27.32 -35.13
C LYS A 99 10.00 27.51 -35.59
N GLU A 100 9.54 26.59 -36.43
CA GLU A 100 8.16 26.54 -36.89
C GLU A 100 7.17 26.69 -35.73
N GLU A 101 6.03 27.32 -36.03
CA GLU A 101 4.99 27.68 -35.04
C GLU A 101 5.43 28.76 -34.05
N GLY A 102 6.66 29.25 -34.22
CA GLY A 102 7.16 30.35 -33.40
C GLY A 102 6.52 31.66 -33.78
N TYR A 103 6.60 32.63 -32.87
CA TYR A 103 6.11 33.99 -33.09
C TYR A 103 6.81 35.00 -32.19
N ALA A 104 6.65 36.27 -32.55
CA ALA A 104 7.01 37.38 -31.68
C ALA A 104 5.75 38.18 -31.34
N LEU A 105 5.68 38.68 -30.12
CA LEU A 105 4.59 39.56 -29.72
C LEU A 105 5.19 40.69 -28.91
N VAL A 106 5.03 41.92 -29.42
CA VAL A 106 5.42 43.12 -28.71
C VAL A 106 4.20 44.02 -28.55
N SER A 107 3.88 44.37 -27.31
CA SER A 107 2.92 45.43 -27.03
C SER A 107 3.62 46.54 -26.26
N ASN A 108 3.68 47.73 -26.87
CA ASN A 108 4.37 48.86 -26.30
C ASN A 108 3.79 50.18 -26.77
N ASP A 109 3.35 51.00 -25.80
CA ASP A 109 2.93 52.39 -26.04
C ASP A 109 1.93 52.54 -27.20
N GLY A 110 0.77 51.91 -27.06
CA GLY A 110 -0.32 52.03 -28.01
C GLY A 110 -0.24 51.14 -29.25
N LYS A 111 0.78 50.28 -29.31
CA LYS A 111 0.95 49.36 -30.42
C LYS A 111 1.12 47.89 -29.99
N ILE A 112 0.39 47.01 -30.67
CA ILE A 112 0.50 45.57 -30.46
C ILE A 112 0.94 44.94 -31.77
N ALA A 113 2.08 44.26 -31.73
CA ALA A 113 2.66 43.70 -32.92
C ALA A 113 2.86 42.19 -32.84
N ILE A 114 2.22 41.47 -33.76
CA ILE A 114 2.30 40.02 -33.84
C ILE A 114 2.97 39.61 -35.16
N GLU A 115 4.13 38.98 -35.04
CA GLU A 115 4.83 38.40 -36.20
C GLU A 115 5.07 36.90 -35.96
N GLY A 116 4.54 36.07 -36.85
CA GLY A 116 4.79 34.64 -36.79
C GLY A 116 5.95 34.23 -37.68
N LYS A 117 6.66 33.17 -37.28
CA LYS A 117 7.69 32.57 -38.13
C LYS A 117 7.03 31.99 -39.38
N ASP A 118 5.82 31.51 -39.18
CA ASP A 118 4.95 30.97 -40.19
C ASP A 118 3.55 31.34 -39.73
N GLY A 119 2.56 30.91 -40.48
CA GLY A 119 1.15 31.14 -40.25
C GLY A 119 0.54 30.54 -39.02
N ASP A 120 0.98 29.35 -38.67
CA ASP A 120 0.58 28.65 -37.48
C ASP A 120 1.03 29.49 -36.33
N GLY A 121 2.22 30.03 -36.50
CA GLY A 121 2.84 30.92 -35.61
C GLY A 121 2.07 32.21 -35.47
N THR A 122 1.50 32.79 -36.54
CA THR A 122 0.77 34.03 -36.30
C THR A 122 -0.57 33.76 -35.58
N PHE A 123 -1.15 32.59 -35.88
CA PHE A 123 -2.33 32.09 -35.18
C PHE A 123 -2.07 31.96 -33.67
N TYR A 124 -0.95 31.37 -33.30
CA TYR A 124 -0.59 31.21 -31.88
C TYR A 124 -0.33 32.54 -31.19
N GLY A 125 0.28 33.49 -31.91
CA GLY A 125 0.46 34.86 -31.43
C GLY A 125 -0.84 35.53 -31.06
N VAL A 126 -1.85 35.35 -31.92
CA VAL A 126 -3.20 35.84 -31.65
C VAL A 126 -3.78 35.20 -30.38
N GLN A 127 -3.51 33.90 -30.20
CA GLN A 127 -3.98 33.17 -29.04
C GLN A 127 -3.41 33.77 -27.77
N THR A 128 -2.11 34.02 -27.76
CA THR A 128 -1.47 34.69 -26.64
C THR A 128 -2.09 36.08 -26.40
N PHE A 129 -2.29 36.84 -27.48
CA PHE A 129 -2.91 38.15 -27.41
C PHE A 129 -4.27 38.11 -26.71
N LYS A 130 -5.10 37.14 -27.08
CA LYS A 130 -6.44 36.97 -26.51
C LYS A 130 -6.40 36.63 -25.04
N GLN A 131 -5.37 35.91 -24.61
CA GLN A 131 -5.14 35.65 -23.19
C GLN A 131 -4.57 36.88 -22.45
N LEU A 132 -3.84 37.72 -23.16
CA LEU A 132 -3.24 38.92 -22.56
C LEU A 132 -4.23 40.04 -22.22
N VAL A 133 -5.28 40.16 -23.02
CA VAL A 133 -6.21 41.28 -22.91
C VAL A 133 -7.34 41.01 -21.91
N LYS A 134 -7.51 41.92 -20.95
CA LYS A 134 -8.59 41.85 -19.95
C LYS A 134 -9.25 43.22 -19.81
N GLU A 135 -10.52 43.28 -20.22
CA GLU A 135 -11.34 44.49 -20.16
C GLU A 135 -10.64 45.67 -20.85
N SER A 136 -10.13 45.41 -22.05
CA SER A 136 -9.45 46.39 -22.86
C SER A 136 -8.03 46.67 -22.43
N ASN A 137 -7.69 46.29 -21.23
CA ASN A 137 -6.32 46.48 -20.75
C ASN A 137 -5.39 45.37 -21.21
N ILE A 138 -4.18 45.75 -21.59
CA ILE A 138 -3.15 44.79 -21.98
C ILE A 138 -1.84 45.18 -21.30
N PRO A 139 -1.06 44.18 -20.81
CA PRO A 139 0.29 44.49 -20.35
C PRO A 139 1.22 44.87 -21.48
N GLU A 140 2.27 45.62 -21.17
CA GLU A 140 3.29 45.99 -22.14
C GLU A 140 4.43 45.01 -22.01
N VAL A 141 4.55 44.14 -23.00
CA VAL A 141 5.45 42.99 -22.94
C VAL A 141 6.20 42.83 -24.26
N ASN A 142 7.39 42.24 -24.22
CA ASN A 142 7.87 41.51 -25.40
C ASN A 142 8.05 40.02 -25.21
N ILE A 143 7.56 39.28 -26.21
CA ILE A 143 7.51 37.82 -26.15
C ILE A 143 8.09 37.24 -27.44
N THR A 144 9.01 36.31 -27.28
CA THR A 144 9.33 35.37 -28.36
C THR A 144 8.97 33.96 -27.84
N ASP A 145 8.27 33.19 -28.66
CA ASP A 145 7.66 31.94 -28.19
C ASP A 145 7.62 30.88 -29.28
N TYR A 146 7.75 29.62 -28.86
CA TYR A 146 7.81 28.48 -29.78
C TYR A 146 7.69 27.18 -28.95
N PRO A 147 7.20 26.10 -29.59
CA PRO A 147 6.97 24.87 -28.82
C PRO A 147 8.26 24.07 -28.60
N THR A 148 8.31 23.31 -27.51
CA THR A 148 9.39 22.34 -27.27
C THR A 148 9.24 21.16 -28.25
N VAL A 149 8.02 20.61 -28.28
CA VAL A 149 7.70 19.40 -29.06
C VAL A 149 6.87 19.81 -30.28
N SER A 150 7.20 19.22 -31.43
CA SER A 150 6.65 19.64 -32.73
C SER A 150 5.21 19.24 -32.94
N ALA A 151 4.82 18.06 -32.43
CA ALA A 151 3.40 17.66 -32.45
C ALA A 151 2.86 17.48 -31.04
N ARG A 152 1.69 18.04 -30.80
CA ARG A 152 1.16 18.17 -29.46
C ARG A 152 -0.35 18.04 -29.58
N GLY A 153 -0.91 16.99 -28.99
CA GLY A 153 -2.33 16.80 -29.13
C GLY A 153 -3.05 15.68 -28.39
N ILE A 154 -4.18 15.31 -28.96
CA ILE A 154 -5.05 14.31 -28.38
C ILE A 154 -5.16 13.16 -29.36
N VAL A 155 -5.15 11.94 -28.81
CA VAL A 155 -5.51 10.74 -29.54
C VAL A 155 -6.83 10.25 -28.97
N GLU A 156 -7.87 10.19 -29.81
CA GLU A 156 -9.18 9.76 -29.38
C GLU A 156 -9.29 8.24 -29.30
N GLY A 157 -8.66 7.63 -28.29
CA GLY A 157 -8.51 6.17 -28.24
C GLY A 157 -9.18 5.43 -27.08
N PHE A 158 -10.03 6.14 -26.34
CA PHE A 158 -10.74 5.57 -25.18
C PHE A 158 -11.91 4.70 -25.59
N TYR A 159 -12.18 3.69 -24.78
CA TYR A 159 -13.41 2.92 -24.91
C TYR A 159 -14.51 3.61 -24.11
N GLY A 160 -15.72 3.10 -24.23
CA GLY A 160 -16.90 3.69 -23.61
C GLY A 160 -17.59 4.67 -24.54
N THR A 161 -18.57 5.41 -24.02
CA THR A 161 -19.44 6.20 -24.89
C THR A 161 -18.66 7.30 -25.63
N PRO A 162 -18.74 7.29 -26.98
CA PRO A 162 -17.98 8.25 -27.78
C PRO A 162 -18.36 9.69 -27.50
N TRP A 163 -17.46 10.60 -27.84
CA TRP A 163 -17.78 12.02 -27.82
C TRP A 163 -18.89 12.30 -28.84
N THR A 164 -19.78 13.24 -28.51
CA THR A 164 -20.72 13.75 -29.52
C THR A 164 -19.96 14.59 -30.56
N HIS A 165 -20.60 14.85 -31.70
CA HIS A 165 -20.08 15.74 -32.72
C HIS A 165 -19.79 17.14 -32.17
N GLN A 166 -20.71 17.66 -31.36
CA GLN A 166 -20.52 18.97 -30.75
C GLN A 166 -19.35 18.96 -29.74
N ASP A 167 -19.21 17.86 -28.99
CA ASP A 167 -18.09 17.64 -28.06
C ASP A 167 -16.77 17.80 -28.81
N ARG A 168 -16.72 17.22 -30.00
CA ARG A 168 -15.54 17.21 -30.89
C ARG A 168 -15.18 18.58 -31.43
N LEU A 169 -16.19 19.28 -31.94
CA LEU A 169 -16.02 20.64 -32.45
C LEU A 169 -15.46 21.55 -31.36
N ASP A 170 -16.00 21.40 -30.15
CA ASP A 170 -15.58 22.20 -29.00
C ASP A 170 -14.14 21.91 -28.58
N GLN A 171 -13.78 20.63 -28.54
CA GLN A 171 -12.40 20.19 -28.28
C GLN A 171 -11.39 20.78 -29.28
N ILE A 172 -11.73 20.75 -30.57
CA ILE A 172 -10.84 21.31 -31.60
C ILE A 172 -10.54 22.80 -31.37
N LYS A 173 -11.59 23.55 -31.03
CA LYS A 173 -11.46 24.97 -30.73
C LYS A 173 -10.64 25.17 -29.46
N PHE A 174 -10.91 24.36 -28.43
CA PHE A 174 -10.10 24.29 -27.21
C PHE A 174 -8.63 23.99 -27.51
N TYR A 175 -8.34 23.04 -28.40
CA TYR A 175 -6.94 22.73 -28.73
C TYR A 175 -6.23 23.95 -29.34
N GLY A 176 -6.87 24.56 -30.35
CA GLY A 176 -6.36 25.80 -30.96
C GLY A 176 -6.05 26.90 -29.97
N GLU A 177 -6.95 27.10 -29.00
CA GLU A 177 -6.77 28.15 -27.98
C GLU A 177 -5.55 27.96 -27.09
N ASN A 178 -5.20 26.68 -26.88
CA ASN A 178 -4.07 26.30 -26.03
C ASN A 178 -2.87 25.76 -26.81
N LYS A 179 -2.86 26.03 -28.12
CA LYS A 179 -1.71 25.77 -28.99
C LYS A 179 -1.43 24.28 -29.20
N LEU A 180 -2.47 23.45 -29.09
CA LEU A 180 -2.35 22.02 -29.41
C LEU A 180 -2.65 21.84 -30.89
N ASN A 181 -1.73 21.18 -31.60
CA ASN A 181 -1.79 21.08 -33.07
C ASN A 181 -2.17 19.71 -33.65
N THR A 182 -2.43 18.71 -32.78
CA THR A 182 -2.73 17.36 -33.27
C THR A 182 -4.01 16.77 -32.66
N TYR A 183 -4.85 16.22 -33.53
CA TYR A 183 -6.03 15.50 -33.09
C TYR A 183 -6.13 14.22 -33.91
N ILE A 184 -5.81 13.09 -33.28
CA ILE A 184 -5.98 11.79 -33.92
C ILE A 184 -7.39 11.27 -33.75
N TYR A 185 -8.13 11.31 -34.83
CA TYR A 185 -9.51 10.92 -34.90
C TYR A 185 -9.72 9.44 -35.07
N ALA A 186 -10.34 8.80 -34.09
CA ALA A 186 -10.68 7.40 -34.13
C ALA A 186 -11.80 7.01 -33.19
N PRO A 187 -13.01 7.47 -33.39
CA PRO A 187 -14.11 7.12 -32.49
C PRO A 187 -14.63 5.71 -32.68
N LYS A 188 -15.09 5.08 -31.61
CA LYS A 188 -15.54 3.69 -31.70
C LYS A 188 -16.90 3.56 -32.37
N ASP A 189 -17.63 4.67 -32.49
CA ASP A 189 -18.95 4.65 -33.15
C ASP A 189 -18.89 5.08 -34.65
N ASP A 190 -17.68 5.05 -35.19
CA ASP A 190 -17.47 5.31 -36.61
C ASP A 190 -16.88 4.07 -37.29
N PRO A 191 -17.74 3.26 -37.94
CA PRO A 191 -17.26 2.03 -38.60
C PRO A 191 -16.21 2.27 -39.68
N TYR A 192 -16.20 3.45 -40.30
CA TYR A 192 -15.28 3.75 -41.41
C TYR A 192 -13.80 3.97 -41.00
N HIS A 193 -13.52 3.75 -39.73
CA HIS A 193 -12.18 3.80 -39.22
C HIS A 193 -11.74 2.39 -38.87
N ARG A 194 -12.68 1.49 -38.64
CA ARG A 194 -12.36 0.10 -38.37
C ARG A 194 -13.16 -1.02 -39.08
N GLU A 195 -14.40 -1.25 -38.67
CA GLU A 195 -15.20 -2.32 -39.20
C GLU A 195 -15.48 -2.19 -40.68
N LYS A 196 -15.45 -0.97 -41.15
CA LYS A 196 -15.61 -0.69 -42.57
C LYS A 196 -14.41 0.13 -43.05
N TRP A 197 -13.21 -0.23 -42.59
CA TRP A 197 -12.00 0.51 -42.93
C TRP A 197 -11.75 0.61 -44.44
N ARG A 198 -12.16 -0.41 -45.19
CA ARG A 198 -11.92 -0.49 -46.65
C ARG A 198 -12.72 0.52 -47.47
N GLU A 199 -13.94 0.82 -47.01
CA GLU A 199 -14.88 1.61 -47.79
C GLU A 199 -14.91 3.11 -47.45
N PRO A 200 -14.98 3.98 -48.48
CA PRO A 200 -15.00 5.42 -48.28
C PRO A 200 -16.28 5.89 -47.58
N TYR A 201 -16.22 7.12 -47.04
CA TYR A 201 -17.38 7.74 -46.44
C TYR A 201 -18.49 7.94 -47.49
N PRO A 202 -19.73 7.51 -47.16
CA PRO A 202 -20.87 7.81 -48.00
C PRO A 202 -21.15 9.31 -47.91
N GLU A 203 -21.96 9.84 -48.83
CA GLU A 203 -22.28 11.27 -48.82
C GLU A 203 -23.13 11.70 -47.61
N SER A 204 -23.85 10.77 -47.02
CA SER A 204 -24.68 11.03 -45.84
C SER A 204 -23.86 11.33 -44.58
N GLU A 205 -22.58 10.99 -44.64
CA GLU A 205 -21.66 11.19 -43.51
C GLU A 205 -20.61 12.25 -43.86
N MET A 206 -20.71 12.77 -45.08
CA MET A 206 -19.76 13.75 -45.62
C MET A 206 -19.73 15.08 -44.86
N GLN A 207 -20.90 15.68 -44.59
CA GLN A 207 -20.95 17.01 -43.97
C GLN A 207 -20.33 17.01 -42.57
N ARG A 208 -20.68 15.98 -41.78
CA ARG A 208 -20.11 15.77 -40.45
C ARG A 208 -18.58 15.74 -40.49
N MET A 209 -18.03 14.88 -41.34
CA MET A 209 -16.57 14.77 -41.51
C MET A 209 -15.94 16.05 -42.03
N GLN A 210 -16.66 16.74 -42.91
CA GLN A 210 -16.21 18.02 -43.44
C GLN A 210 -16.14 19.07 -42.34
N GLU A 211 -17.17 19.10 -41.49
CA GLU A 211 -17.21 20.00 -40.34
C GLU A 211 -16.02 19.80 -39.40
N LEU A 212 -15.61 18.54 -39.19
CA LEU A 212 -14.42 18.24 -38.38
C LEU A 212 -13.12 18.66 -39.07
N ILE A 213 -12.98 18.30 -40.35
CA ILE A 213 -11.79 18.68 -41.13
C ILE A 213 -11.59 20.20 -41.19
N ASN A 214 -12.68 20.93 -41.44
CA ASN A 214 -12.67 22.39 -41.55
C ASN A 214 -12.41 23.08 -40.21
N ALA A 215 -13.10 22.62 -39.16
CA ALA A 215 -12.85 23.11 -37.80
C ALA A 215 -11.38 22.95 -37.44
N SER A 216 -10.81 21.78 -37.73
CA SER A 216 -9.40 21.48 -37.44
C SER A 216 -8.45 22.41 -38.17
N ALA A 217 -8.68 22.56 -39.47
CA ALA A 217 -7.83 23.39 -40.33
C ALA A 217 -7.90 24.86 -39.91
N GLU A 218 -9.09 25.34 -39.58
CA GLU A 218 -9.28 26.70 -39.07
C GLU A 218 -8.48 27.01 -37.80
N ASN A 219 -8.25 25.99 -36.98
CA ASN A 219 -7.64 26.14 -35.65
C ASN A 219 -6.20 25.66 -35.62
N LYS A 220 -5.63 25.46 -36.81
CA LYS A 220 -4.27 24.93 -37.03
C LYS A 220 -4.02 23.56 -36.40
N VAL A 221 -5.09 22.78 -36.25
CA VAL A 221 -5.02 21.44 -35.72
C VAL A 221 -4.96 20.49 -36.91
N ASP A 222 -3.92 19.66 -36.96
CA ASP A 222 -3.81 18.56 -37.94
C ASP A 222 -4.80 17.47 -37.57
N PHE A 223 -5.84 17.35 -38.39
CA PHE A 223 -6.80 16.27 -38.27
C PHE A 223 -6.15 14.99 -38.79
N VAL A 224 -5.74 14.11 -37.86
CA VAL A 224 -5.16 12.84 -38.23
C VAL A 224 -6.27 11.77 -38.32
N PHE A 225 -6.40 11.15 -39.49
CA PHE A 225 -7.38 10.07 -39.61
C PHE A 225 -6.75 8.72 -39.27
N GLY A 226 -7.17 8.14 -38.15
CA GLY A 226 -6.67 6.85 -37.70
C GLY A 226 -7.47 5.70 -38.28
N ILE A 227 -6.78 4.80 -38.97
CA ILE A 227 -7.38 3.59 -39.55
C ILE A 227 -6.86 2.38 -38.79
N SER A 228 -7.77 1.49 -38.39
CA SER A 228 -7.40 0.21 -37.78
C SER A 228 -7.78 -0.97 -38.69
N PRO A 229 -6.91 -1.30 -39.67
CA PRO A 229 -7.24 -2.35 -40.64
C PRO A 229 -7.23 -3.77 -40.05
N GLY A 230 -6.59 -3.92 -38.89
CA GLY A 230 -6.31 -5.23 -38.29
C GLY A 230 -7.48 -6.15 -38.03
N ILE A 231 -8.69 -5.60 -38.07
CA ILE A 231 -9.90 -6.39 -37.79
C ILE A 231 -9.97 -7.65 -38.68
N ASP A 232 -9.60 -7.48 -39.94
CA ASP A 232 -9.79 -8.50 -40.96
C ASP A 232 -8.87 -8.33 -42.17
N ILE A 233 -7.89 -7.44 -42.05
CA ILE A 233 -6.94 -7.19 -43.14
C ILE A 233 -6.19 -8.47 -43.51
N ARG A 234 -6.06 -8.68 -44.81
CA ARG A 234 -5.35 -9.81 -45.39
C ARG A 234 -4.05 -9.31 -45.99
N PHE A 235 -2.95 -10.00 -45.71
CA PHE A 235 -1.64 -9.62 -46.20
C PHE A 235 -1.23 -10.48 -47.39
N ASP A 236 -1.69 -11.70 -47.40
CA ASP A 236 -1.01 -12.75 -48.09
C ASP A 236 -1.64 -12.94 -49.45
N GLY A 237 -0.91 -12.58 -50.50
CA GLY A 237 -1.14 -13.13 -51.83
C GLY A 237 -2.08 -12.28 -52.66
N ASP A 238 -3.16 -12.77 -53.20
CA ASP A 238 -3.89 -11.70 -53.82
C ASP A 238 -4.99 -11.03 -53.07
N ALA A 239 -5.47 -11.62 -51.96
CA ALA A 239 -6.29 -10.76 -51.12
C ALA A 239 -5.48 -9.61 -50.54
N GLY A 240 -4.16 -9.70 -50.66
CA GLY A 240 -3.26 -8.76 -50.02
C GLY A 240 -2.92 -7.58 -50.91
N GLU A 241 -2.88 -7.83 -52.21
CA GLU A 241 -2.68 -6.78 -53.16
C GLU A 241 -3.97 -6.05 -53.31
N GLU A 242 -5.06 -6.77 -53.10
CA GLU A 242 -6.40 -6.22 -52.99
C GLU A 242 -6.56 -5.25 -51.83
N ASP A 243 -6.32 -5.75 -50.63
CA ASP A 243 -6.46 -5.02 -49.37
C ASP A 243 -5.51 -3.85 -49.24
N PHE A 244 -4.36 -3.91 -49.91
CA PHE A 244 -3.46 -2.76 -49.90
C PHE A 244 -3.98 -1.64 -50.80
N ASN A 245 -4.61 -2.03 -51.91
CA ASN A 245 -5.21 -1.07 -52.83
C ASN A 245 -6.48 -0.43 -52.26
N HIS A 246 -7.26 -1.20 -51.51
CA HIS A 246 -8.35 -0.68 -50.70
C HIS A 246 -7.87 0.42 -49.75
N LEU A 247 -6.71 0.17 -49.13
CA LEU A 247 -6.07 1.14 -48.24
C LEU A 247 -5.71 2.44 -48.95
N ILE A 248 -5.25 2.32 -50.20
CA ILE A 248 -4.97 3.49 -51.04
C ILE A 248 -6.26 4.19 -51.45
N THR A 249 -7.28 3.41 -51.80
CA THR A 249 -8.57 3.94 -52.22
C THR A 249 -9.16 4.80 -51.11
N LYS A 250 -9.17 4.24 -49.89
CA LYS A 250 -9.68 4.93 -48.70
C LYS A 250 -8.93 6.25 -48.45
N ALA A 251 -7.61 6.17 -48.34
CA ALA A 251 -6.77 7.35 -48.12
C ALA A 251 -6.95 8.43 -49.20
N GLU A 252 -7.23 7.99 -50.44
CA GLU A 252 -7.45 8.93 -51.54
C GLU A 252 -8.79 9.63 -51.39
N SER A 253 -9.81 8.87 -51.00
CA SER A 253 -11.14 9.44 -50.75
C SER A 253 -11.15 10.39 -49.54
N LEU A 254 -10.25 10.16 -48.59
CA LEU A 254 -10.05 11.07 -47.45
C LEU A 254 -9.17 12.27 -47.82
N TYR A 255 -8.20 12.04 -48.69
CA TYR A 255 -7.36 13.12 -49.19
C TYR A 255 -8.23 14.17 -49.89
N ASP A 256 -9.21 13.70 -50.66
CA ASP A 256 -10.09 14.58 -51.43
C ASP A 256 -11.02 15.41 -50.54
N MET A 257 -11.26 14.94 -49.32
CA MET A 257 -12.07 15.67 -48.34
C MET A 257 -11.23 16.73 -47.62
N GLY A 258 -9.91 16.61 -47.72
CA GLY A 258 -9.01 17.57 -47.11
C GLY A 258 -8.11 17.00 -46.03
N VAL A 259 -8.14 15.68 -45.83
CA VAL A 259 -7.29 15.04 -44.82
C VAL A 259 -5.85 14.99 -45.34
N ARG A 260 -4.92 15.49 -44.53
CA ARG A 260 -3.51 15.54 -44.89
C ARG A 260 -2.60 14.75 -43.93
N SER A 261 -3.21 14.09 -42.95
CA SER A 261 -2.49 13.31 -41.93
C SER A 261 -3.17 11.98 -41.71
N PHE A 262 -2.39 10.91 -41.56
CA PHE A 262 -2.94 9.56 -41.46
C PHE A 262 -2.20 8.73 -40.43
N ALA A 263 -2.95 7.92 -39.69
CA ALA A 263 -2.39 6.98 -38.73
C ALA A 263 -2.92 5.58 -39.04
N ILE A 264 -2.03 4.59 -39.04
CA ILE A 264 -2.42 3.18 -39.25
C ILE A 264 -2.05 2.33 -38.02
N TYR A 265 -3.05 1.67 -37.46
CA TYR A 265 -2.94 0.93 -36.20
C TYR A 265 -2.73 -0.56 -36.42
N TRP A 266 -1.83 -1.14 -35.66
CA TRP A 266 -1.56 -2.53 -35.70
C TRP A 266 -1.75 -3.03 -34.26
N ASP A 267 -2.47 -2.26 -33.46
CA ASP A 267 -2.60 -2.59 -32.05
C ASP A 267 -3.51 -3.72 -31.78
N ASP A 268 -4.63 -3.79 -32.46
CA ASP A 268 -5.55 -4.90 -32.31
C ASP A 268 -5.65 -5.70 -33.59
N ILE A 269 -4.82 -6.74 -33.72
CA ILE A 269 -4.82 -7.58 -34.93
C ILE A 269 -4.65 -9.09 -34.71
N GLN A 270 -3.96 -9.44 -33.63
CA GLN A 270 -3.66 -10.85 -33.28
C GLN A 270 -2.85 -11.52 -34.40
N ASP A 271 -2.24 -10.74 -35.29
CA ASP A 271 -1.88 -11.26 -36.61
C ASP A 271 -0.65 -10.61 -37.25
N LYS A 272 0.53 -11.04 -36.78
CA LYS A 272 1.17 -10.43 -35.62
C LYS A 272 2.54 -10.12 -36.16
N SER A 273 2.64 -10.33 -37.48
CA SER A 273 3.89 -10.36 -38.19
C SER A 273 4.38 -8.95 -38.42
N ALA A 274 5.47 -8.59 -37.74
CA ALA A 274 6.13 -7.29 -37.89
C ALA A 274 6.48 -6.94 -39.34
N ALA A 275 7.00 -7.93 -40.09
CA ALA A 275 7.42 -7.73 -41.47
C ALA A 275 6.26 -7.40 -42.42
N LYS A 276 5.10 -7.98 -42.14
CA LYS A 276 3.90 -7.74 -42.93
C LYS A 276 3.29 -6.38 -42.64
N HIS A 277 3.24 -5.99 -41.36
CA HIS A 277 2.74 -4.68 -40.95
C HIS A 277 3.59 -3.56 -41.53
N ALA A 278 4.90 -3.71 -41.40
CA ALA A 278 5.87 -2.71 -41.86
C ALA A 278 5.97 -2.59 -43.39
N GLN A 279 5.67 -3.68 -44.11
CA GLN A 279 5.62 -3.65 -45.57
C GLN A 279 4.45 -2.78 -46.05
N VAL A 280 3.26 -3.05 -45.50
CA VAL A 280 2.10 -2.22 -45.78
C VAL A 280 2.41 -0.75 -45.50
N LEU A 281 3.01 -0.46 -44.35
CA LEU A 281 3.39 0.91 -43.98
C LEU A 281 4.36 1.55 -44.96
N ASN A 282 5.40 0.81 -45.36
CA ASN A 282 6.42 1.35 -46.27
C ASN A 282 5.90 1.67 -47.67
N ARG A 283 5.07 0.77 -48.20
CA ARG A 283 4.53 0.91 -49.54
C ARG A 283 3.47 2.02 -49.60
N PHE A 284 2.62 2.06 -48.56
CA PHE A 284 1.67 3.16 -48.36
C PHE A 284 2.41 4.50 -48.31
N ASN A 285 3.54 4.52 -47.61
CA ASN A 285 4.40 5.70 -47.50
C ASN A 285 4.94 6.19 -48.86
N GLU A 286 5.44 5.25 -49.67
CA GLU A 286 5.97 5.57 -51.00
C GLU A 286 4.87 5.98 -51.97
N GLU A 287 3.84 5.13 -52.07
CA GLU A 287 2.78 5.27 -53.06
C GLU A 287 1.77 6.37 -52.73
N PHE A 288 1.54 6.61 -51.44
CA PHE A 288 0.61 7.66 -51.02
C PHE A 288 1.35 8.91 -50.57
N VAL A 289 1.97 8.82 -49.39
CA VAL A 289 2.32 10.02 -48.63
C VAL A 289 3.44 10.80 -49.30
N LYS A 290 4.38 10.08 -49.91
CA LYS A 290 5.45 10.70 -50.69
C LYS A 290 4.95 11.14 -52.07
N ALA A 291 4.02 10.38 -52.62
CA ALA A 291 3.40 10.68 -53.91
C ALA A 291 2.60 11.98 -53.89
N LYS A 292 1.82 12.18 -52.82
CA LYS A 292 0.97 13.37 -52.67
C LYS A 292 1.77 14.67 -52.48
N GLY A 293 2.93 14.56 -51.81
CA GLY A 293 3.80 15.70 -51.49
C GLY A 293 3.24 16.58 -50.39
N ASP A 294 1.94 16.42 -50.17
CA ASP A 294 1.10 17.29 -49.37
C ASP A 294 0.88 16.71 -47.96
N VAL A 295 1.25 15.44 -47.82
CA VAL A 295 0.86 14.63 -46.68
C VAL A 295 1.96 14.61 -45.61
N LYS A 296 1.54 14.82 -44.36
CA LYS A 296 2.42 14.80 -43.19
C LYS A 296 2.96 13.38 -42.96
N PRO A 297 4.06 13.25 -42.19
CA PRO A 297 4.62 11.91 -41.96
C PRO A 297 3.61 10.89 -41.45
N LEU A 298 3.67 9.69 -42.00
CA LEU A 298 2.80 8.60 -41.60
C LEU A 298 3.01 8.23 -40.13
N ILE A 299 1.92 7.90 -39.46
CA ILE A 299 1.96 7.54 -38.05
C ILE A 299 1.50 6.09 -37.93
N THR A 300 2.07 5.37 -36.98
CA THR A 300 1.66 3.99 -36.71
C THR A 300 1.71 3.65 -35.21
N VAL A 301 0.85 2.71 -34.82
CA VAL A 301 0.90 2.07 -33.51
C VAL A 301 1.23 0.58 -33.72
N PRO A 302 2.40 0.13 -33.28
CA PRO A 302 2.77 -1.28 -33.47
C PRO A 302 1.98 -2.20 -32.53
N THR A 303 1.94 -3.48 -32.84
CA THR A 303 1.25 -4.46 -31.98
C THR A 303 1.87 -4.46 -30.58
N GLU A 304 3.19 -4.32 -30.51
CA GLU A 304 3.87 -4.15 -29.22
C GLU A 304 4.16 -2.67 -29.04
N TYR A 305 3.45 -2.03 -28.11
CA TYR A 305 3.45 -0.56 -28.02
C TYR A 305 3.71 -0.01 -26.62
N ASP A 306 4.02 -0.89 -25.66
CA ASP A 306 4.51 -0.47 -24.36
C ASP A 306 5.79 -1.25 -24.10
N THR A 307 6.73 -0.66 -23.36
CA THR A 307 8.07 -1.24 -23.18
C THR A 307 8.07 -2.70 -22.68
N GLY A 308 7.21 -3.01 -21.71
CA GLY A 308 7.03 -4.39 -21.22
C GLY A 308 6.73 -5.38 -22.35
N ALA A 309 5.99 -4.92 -23.35
CA ALA A 309 5.58 -5.76 -24.49
C ALA A 309 6.58 -5.76 -25.62
N MET A 310 7.49 -4.78 -25.61
CA MET A 310 8.45 -4.57 -26.70
C MET A 310 9.84 -5.18 -26.43
N VAL A 311 10.21 -5.27 -25.15
CA VAL A 311 11.55 -5.74 -24.76
C VAL A 311 11.46 -6.84 -23.71
N SER A 312 12.45 -7.73 -23.74
CA SER A 312 12.60 -8.82 -22.78
C SER A 312 14.05 -9.33 -22.71
N ASN A 313 14.66 -9.20 -21.53
CA ASN A 313 16.01 -9.69 -21.30
C ASN A 313 17.06 -8.82 -22.00
N GLY A 314 16.79 -7.52 -22.06
CA GLY A 314 17.79 -6.56 -22.48
C GLY A 314 17.91 -6.45 -23.98
N GLN A 315 17.02 -7.15 -24.69
CA GLN A 315 16.80 -6.89 -26.10
C GLN A 315 15.34 -6.60 -26.40
N PRO A 316 15.06 -6.13 -27.62
CA PRO A 316 13.70 -6.15 -28.15
C PRO A 316 13.23 -7.57 -28.39
N ARG A 317 11.92 -7.78 -28.28
CA ARG A 317 11.27 -9.02 -28.62
C ARG A 317 11.20 -9.11 -30.16
N ALA A 318 10.96 -10.31 -30.68
CA ALA A 318 10.94 -10.58 -32.12
C ALA A 318 10.24 -9.48 -32.94
N TYR A 319 8.95 -9.26 -32.67
CA TYR A 319 8.13 -8.29 -33.40
C TYR A 319 8.78 -6.91 -33.44
N THR A 320 9.17 -6.39 -32.26
CA THR A 320 9.74 -5.05 -32.16
C THR A 320 11.05 -4.90 -32.95
N ARG A 321 11.93 -5.92 -32.86
CA ARG A 321 13.19 -5.89 -33.61
C ARG A 321 12.92 -5.84 -35.12
N ILE A 322 12.04 -6.71 -35.58
CA ILE A 322 11.71 -6.78 -37.01
C ILE A 322 11.01 -5.50 -37.48
N PHE A 323 10.02 -5.06 -36.69
CA PHE A 323 9.29 -3.84 -37.00
C PHE A 323 10.23 -2.64 -37.05
N ALA A 324 11.08 -2.47 -36.03
CA ALA A 324 12.03 -1.34 -36.01
C ALA A 324 13.03 -1.36 -37.16
N GLU A 325 13.48 -2.56 -37.53
CA GLU A 325 14.43 -2.76 -38.63
C GLU A 325 13.82 -2.48 -40.00
N THR A 326 12.53 -2.78 -40.15
CA THR A 326 11.83 -2.69 -41.44
C THR A 326 11.12 -1.35 -41.74
N VAL A 327 10.56 -0.68 -40.72
CA VAL A 327 9.81 0.57 -40.98
C VAL A 327 10.71 1.69 -41.46
N ASP A 328 10.23 2.42 -42.46
CA ASP A 328 10.95 3.60 -42.95
C ASP A 328 11.22 4.59 -41.82
N PRO A 329 12.45 5.13 -41.75
CA PRO A 329 12.87 6.11 -40.74
C PRO A 329 11.96 7.33 -40.60
N SER A 330 11.15 7.60 -41.63
CA SER A 330 10.30 8.80 -41.69
C SER A 330 8.94 8.56 -41.03
N ILE A 331 8.65 7.30 -40.75
CA ILE A 331 7.38 6.94 -40.13
C ILE A 331 7.41 7.18 -38.62
N GLU A 332 6.32 7.75 -38.13
CA GLU A 332 6.17 8.10 -36.73
C GLU A 332 5.65 6.90 -35.94
N VAL A 333 6.40 6.48 -34.92
CA VAL A 333 6.01 5.31 -34.16
C VAL A 333 5.58 5.70 -32.74
N MET A 334 4.38 5.26 -32.35
CA MET A 334 3.82 5.54 -31.03
C MET A 334 4.13 4.43 -30.04
N TRP A 335 4.38 4.82 -28.79
CA TRP A 335 4.40 3.89 -27.67
C TRP A 335 3.88 4.61 -26.41
N THR A 336 3.44 3.84 -25.42
CA THR A 336 2.72 4.39 -24.27
C THR A 336 3.60 4.66 -23.04
N GLY A 337 4.90 4.40 -23.18
CA GLY A 337 5.81 4.43 -22.05
C GLY A 337 6.09 3.03 -21.53
N PRO A 338 6.63 2.92 -20.30
CA PRO A 338 7.05 1.64 -19.74
C PRO A 338 5.94 0.58 -19.58
N GLY A 339 4.68 1.01 -19.61
CA GLY A 339 3.53 0.13 -19.53
C GLY A 339 2.38 0.81 -20.23
N VAL A 340 1.22 0.15 -20.31
CA VAL A 340 0.06 0.73 -21.00
C VAL A 340 -0.48 1.95 -20.23
N VAL A 341 -0.71 1.77 -18.94
CA VAL A 341 -1.06 2.84 -18.01
C VAL A 341 -0.07 2.71 -16.89
N THR A 342 0.77 3.73 -16.72
CA THR A 342 1.95 3.63 -15.89
C THR A 342 2.19 4.95 -15.17
N ASN A 343 2.85 4.89 -14.01
CA ASN A 343 3.20 6.10 -13.27
C ASN A 343 4.03 7.11 -14.07
N GLU A 344 5.02 6.64 -14.84
CA GLU A 344 6.06 7.51 -15.39
C GLU A 344 6.51 7.15 -16.79
N ILE A 345 7.01 8.16 -17.51
CA ILE A 345 7.96 7.88 -18.58
C ILE A 345 9.26 8.57 -18.18
N PRO A 346 10.19 7.81 -17.58
CA PRO A 346 11.50 8.37 -17.27
C PRO A 346 12.31 8.50 -18.55
N LEU A 347 13.31 9.37 -18.53
CA LEU A 347 14.18 9.58 -19.67
C LEU A 347 14.78 8.26 -20.15
N SER A 348 15.18 7.41 -19.21
CA SER A 348 15.79 6.11 -19.55
C SER A 348 14.91 5.25 -20.46
N ASP A 349 13.60 5.28 -20.24
CA ASP A 349 12.68 4.50 -21.08
C ASP A 349 12.55 5.05 -22.50
N ALA A 350 12.48 6.37 -22.62
CA ALA A 350 12.44 7.02 -23.93
C ALA A 350 13.74 6.75 -24.70
N GLN A 351 14.87 6.85 -24.00
CA GLN A 351 16.20 6.55 -24.57
C GLN A 351 16.27 5.16 -25.13
N LEU A 352 15.73 4.20 -24.38
CA LEU A 352 15.74 2.80 -24.78
C LEU A 352 14.96 2.54 -26.05
N ILE A 353 13.73 3.03 -26.05
CA ILE A 353 12.84 2.83 -27.13
C ILE A 353 13.29 3.59 -28.36
N SER A 354 13.63 4.85 -28.19
CA SER A 354 14.20 5.69 -29.25
C SER A 354 15.44 5.01 -29.88
N GLY A 355 16.28 4.43 -29.03
CA GLY A 355 17.46 3.67 -29.49
C GLY A 355 17.12 2.47 -30.36
N ILE A 356 16.07 1.74 -29.98
CA ILE A 356 15.64 0.56 -30.71
C ILE A 356 15.10 0.94 -32.09
N TYR A 357 14.39 2.06 -32.14
CA TYR A 357 13.79 2.51 -33.36
C TYR A 357 14.66 3.51 -34.11
N ASN A 358 15.81 3.85 -33.52
CA ASN A 358 16.76 4.82 -34.08
C ASN A 358 16.08 6.06 -34.66
N ARG A 359 15.27 6.71 -33.83
CA ARG A 359 14.48 7.86 -34.23
C ARG A 359 13.83 8.50 -33.01
N ASN A 360 13.37 9.73 -33.17
CA ASN A 360 12.52 10.35 -32.17
C ASN A 360 11.16 9.67 -32.16
N MET A 361 10.72 9.31 -30.97
CA MET A 361 9.47 8.57 -30.80
C MET A 361 8.27 9.50 -30.66
N ALA A 362 7.08 8.93 -30.88
CA ALA A 362 5.81 9.56 -30.55
C ALA A 362 5.22 8.94 -29.28
N VAL A 363 4.70 9.75 -28.36
CA VAL A 363 3.98 9.15 -27.21
C VAL A 363 2.46 9.23 -27.25
N TRP A 364 1.87 8.10 -26.90
CA TRP A 364 0.45 7.94 -26.66
C TRP A 364 0.32 7.79 -25.14
N TRP A 365 -0.14 8.84 -24.46
CA TRP A 365 -0.15 8.87 -22.99
C TRP A 365 -1.55 8.61 -22.41
N ASN A 366 -1.68 7.45 -21.77
CA ASN A 366 -2.99 7.04 -21.25
C ASN A 366 -3.38 7.72 -19.92
N TYR A 367 -3.45 9.05 -19.94
CA TYR A 367 -4.02 9.87 -18.87
C TYR A 367 -4.41 11.18 -19.57
N PRO A 368 -5.64 11.67 -19.35
CA PRO A 368 -6.61 11.28 -18.33
C PRO A 368 -7.60 10.14 -18.63
N VAL A 369 -7.39 9.35 -19.69
CA VAL A 369 -8.35 8.27 -20.00
C VAL A 369 -8.72 7.45 -18.75
N THR A 370 -10.01 7.14 -18.60
CA THR A 370 -10.50 6.36 -17.43
C THR A 370 -11.30 5.11 -17.83
N ASP A 371 -11.14 4.64 -19.07
CA ASP A 371 -12.00 3.54 -19.54
C ASP A 371 -11.82 2.24 -18.77
N TYR A 372 -10.67 2.10 -18.11
CA TYR A 372 -10.30 0.90 -17.34
C TYR A 372 -10.74 0.98 -15.88
N PHE A 373 -11.29 2.13 -15.49
CA PHE A 373 -11.74 2.35 -14.13
C PHE A 373 -12.72 3.52 -14.14
N LYS A 374 -13.90 3.33 -14.75
CA LYS A 374 -14.74 4.47 -15.19
C LYS A 374 -15.45 5.21 -14.07
N GLY A 375 -15.47 4.62 -12.88
CA GLY A 375 -16.12 5.26 -11.73
C GLY A 375 -15.39 6.50 -11.26
N LYS A 376 -14.06 6.52 -11.49
CA LYS A 376 -13.23 7.65 -11.16
C LYS A 376 -12.93 8.57 -12.32
N LEU A 377 -12.92 9.86 -12.02
CA LEU A 377 -12.56 10.93 -12.94
C LEU A 377 -11.10 11.29 -12.74
N ALA A 378 -10.37 11.45 -13.83
CA ALA A 378 -8.96 11.78 -13.77
C ALA A 378 -8.80 13.28 -14.03
N LEU A 379 -8.75 14.05 -12.95
CA LEU A 379 -8.78 15.50 -13.06
C LEU A 379 -7.43 16.09 -12.68
N GLY A 380 -6.36 15.31 -12.83
CA GLY A 380 -5.02 15.76 -12.42
C GLY A 380 -4.23 16.31 -13.58
N PRO A 381 -3.03 16.85 -13.31
CA PRO A 381 -2.11 17.34 -14.34
C PRO A 381 -1.27 16.23 -14.95
N MET A 382 -0.58 16.52 -16.06
CA MET A 382 0.50 15.65 -16.54
C MET A 382 1.47 15.46 -15.40
N HIS A 383 1.77 14.20 -15.12
CA HIS A 383 2.55 13.83 -13.94
C HIS A 383 3.37 12.60 -14.27
N GLY A 384 4.66 12.62 -13.91
CA GLY A 384 5.51 11.45 -14.06
C GLY A 384 6.25 11.40 -15.38
N LEU A 385 6.00 12.39 -16.23
CA LEU A 385 6.61 12.46 -17.56
C LEU A 385 7.90 13.26 -17.48
N ASP A 386 9.02 12.69 -17.89
CA ASP A 386 10.31 13.38 -17.78
C ASP A 386 10.35 14.74 -18.47
N LYS A 387 10.91 15.73 -17.79
CA LYS A 387 11.04 17.08 -18.34
C LYS A 387 12.14 17.22 -19.43
N GLY A 388 12.93 16.16 -19.64
CA GLY A 388 13.90 16.11 -20.74
C GLY A 388 13.47 15.17 -21.86
N LEU A 389 12.20 14.77 -21.86
CA LEU A 389 11.67 13.77 -22.80
C LEU A 389 11.84 14.13 -24.27
N ASN A 390 11.87 15.43 -24.55
CA ASN A 390 12.00 15.95 -25.92
C ASN A 390 13.31 15.57 -26.61
N GLN A 391 14.31 15.17 -25.83
CA GLN A 391 15.52 14.61 -26.37
C GLN A 391 15.25 13.36 -27.23
N TYR A 392 14.19 12.62 -26.92
CA TYR A 392 13.91 11.35 -27.61
C TYR A 392 12.52 11.22 -28.18
N VAL A 393 11.74 12.30 -28.07
CA VAL A 393 10.32 12.33 -28.44
C VAL A 393 10.02 13.67 -29.13
N ASP A 394 9.45 13.66 -30.33
CA ASP A 394 9.00 14.91 -30.95
C ASP A 394 7.52 14.89 -31.34
N PHE A 395 6.73 14.10 -30.62
CA PHE A 395 5.31 13.94 -30.92
C PHE A 395 4.63 13.48 -29.64
N PHE A 396 3.74 14.30 -29.11
CA PHE A 396 3.11 14.00 -27.82
C PHE A 396 1.61 14.07 -27.89
N THR A 397 0.94 12.96 -27.61
CA THR A 397 -0.52 12.94 -27.47
C THR A 397 -1.01 12.40 -26.13
N VAL A 398 -2.18 12.84 -25.71
CA VAL A 398 -2.86 12.26 -24.54
C VAL A 398 -4.15 11.57 -24.97
N ASN A 399 -4.43 10.44 -24.33
CA ASN A 399 -5.69 9.73 -24.50
C ASN A 399 -6.63 10.24 -23.40
N PRO A 400 -7.70 10.95 -23.81
CA PRO A 400 -8.58 11.62 -22.84
C PRO A 400 -9.70 10.72 -22.30
N MET A 401 -10.54 11.26 -21.41
CA MET A 401 -11.72 10.52 -20.93
C MET A 401 -12.87 10.58 -21.95
N GLU A 402 -13.83 9.67 -21.83
CA GLU A 402 -15.11 9.81 -22.51
C GLU A 402 -15.78 11.11 -22.09
N HIS A 403 -15.34 11.65 -20.95
CA HIS A 403 -15.86 12.89 -20.40
C HIS A 403 -15.08 14.06 -20.98
N ALA A 404 -15.57 14.54 -22.13
CA ALA A 404 -14.92 15.65 -22.86
C ALA A 404 -14.68 16.94 -22.07
N GLU A 405 -15.68 17.41 -21.33
CA GLU A 405 -15.57 18.71 -20.64
C GLU A 405 -14.53 18.64 -19.53
N LEU A 406 -14.61 17.59 -18.72
CA LEU A 406 -13.70 17.47 -17.59
C LEU A 406 -12.28 17.08 -17.98
N SER A 407 -12.14 16.43 -19.14
CA SER A 407 -10.82 16.15 -19.75
C SER A 407 -9.99 17.42 -19.98
N LYS A 408 -10.66 18.56 -20.13
CA LYS A 408 -9.98 19.82 -20.43
C LYS A 408 -8.98 20.23 -19.38
N ILE A 409 -9.21 19.83 -18.14
CA ILE A 409 -8.28 20.15 -17.04
C ILE A 409 -6.88 19.54 -17.27
N SER A 410 -6.78 18.23 -17.39
CA SER A 410 -5.51 17.59 -17.67
CA SER A 410 -5.52 17.56 -17.69
C SER A 410 -4.96 17.97 -19.05
N ILE A 411 -5.85 18.06 -20.05
CA ILE A 411 -5.49 18.49 -21.41
C ILE A 411 -4.82 19.85 -21.40
N HIS A 412 -5.33 20.76 -20.56
CA HIS A 412 -4.75 22.09 -20.36
C HIS A 412 -3.29 22.01 -19.91
N THR A 413 -2.99 21.06 -19.03
CA THR A 413 -1.63 20.87 -18.52
C THR A 413 -0.70 20.24 -19.57
N ALA A 414 -1.26 19.38 -20.42
CA ALA A 414 -0.53 18.75 -21.56
C ALA A 414 -0.07 19.77 -22.58
N ALA A 415 -0.89 20.80 -22.78
CA ALA A 415 -0.57 21.93 -23.64
C ALA A 415 0.65 22.68 -23.14
N ASP A 416 0.74 22.84 -21.82
CA ASP A 416 1.86 23.52 -21.21
C ASP A 416 3.09 22.62 -21.17
N TYR A 417 2.90 21.37 -20.75
CA TYR A 417 3.99 20.40 -20.73
C TYR A 417 4.67 20.25 -22.09
N SER A 418 3.88 20.09 -23.16
CA SER A 418 4.47 19.83 -24.47
C SER A 418 5.00 21.06 -25.23
N TRP A 419 4.49 22.24 -24.90
CA TRP A 419 4.97 23.51 -25.50
C TRP A 419 6.16 24.05 -24.72
N ASN A 420 6.06 24.05 -23.39
CA ASN A 420 7.15 24.57 -22.56
C ASN A 420 7.61 23.54 -21.52
N MET A 421 8.26 22.49 -22.01
CA MET A 421 8.58 21.30 -21.20
C MET A 421 9.51 21.58 -20.04
N ASP A 422 10.61 22.27 -20.35
CA ASP A 422 11.64 22.52 -19.35
C ASP A 422 11.10 23.30 -18.13
N ASN A 423 10.08 24.12 -18.32
CA ASN A 423 9.56 24.96 -17.24
C ASN A 423 8.28 24.42 -16.61
N TYR A 424 7.84 23.27 -17.11
CA TYR A 424 6.59 22.66 -16.68
C TYR A 424 6.58 22.36 -15.19
N ASP A 425 5.57 22.89 -14.50
CA ASP A 425 5.42 22.69 -13.05
C ASP A 425 4.04 22.14 -12.83
N TYR A 426 3.94 20.87 -12.45
CA TYR A 426 2.64 20.20 -12.49
C TYR A 426 1.60 20.82 -11.54
N ASP A 427 2.05 21.27 -10.37
CA ASP A 427 1.15 21.90 -9.41
C ASP A 427 0.63 23.27 -9.88
N LYS A 428 1.56 24.12 -10.33
CA LYS A 428 1.22 25.41 -10.93
C LYS A 428 0.35 25.28 -12.18
N ALA A 429 0.69 24.34 -13.08
CA ALA A 429 -0.09 24.09 -14.30
C ALA A 429 -1.50 23.61 -13.98
N TRP A 430 -1.61 22.76 -12.96
CA TRP A 430 -2.90 22.24 -12.51
C TRP A 430 -3.77 23.40 -12.03
N ASN A 431 -3.23 24.19 -11.10
CA ASN A 431 -3.90 25.38 -10.60
C ASN A 431 -4.29 26.37 -11.69
N ARG A 432 -3.39 26.63 -12.62
CA ARG A 432 -3.69 27.47 -13.79
C ARG A 432 -4.83 26.95 -14.63
N ALA A 433 -4.86 25.64 -14.88
CA ALA A 433 -5.96 25.03 -15.64
C ALA A 433 -7.32 25.29 -14.99
N ILE A 434 -7.44 25.01 -13.72
CA ILE A 434 -8.73 25.23 -13.05
C ILE A 434 -9.10 26.71 -12.95
N ASP A 435 -8.12 27.55 -12.58
CA ASP A 435 -8.31 29.00 -12.61
C ASP A 435 -8.85 29.51 -13.95
N MET A 436 -8.19 29.14 -15.06
CA MET A 436 -8.56 29.63 -16.38
C MET A 436 -9.87 29.02 -16.88
N LEU A 437 -10.11 27.77 -16.54
CA LEU A 437 -11.32 27.10 -16.98
C LEU A 437 -12.55 27.43 -16.16
N TYR A 438 -12.36 27.71 -14.86
CA TYR A 438 -13.50 27.82 -13.95
C TYR A 438 -13.78 29.20 -13.34
N GLY A 439 -12.85 30.13 -13.51
CA GLY A 439 -13.06 31.53 -13.09
C GLY A 439 -13.48 31.64 -11.63
N ASP A 440 -14.68 32.17 -11.38
CA ASP A 440 -15.16 32.35 -10.01
C ASP A 440 -15.45 31.02 -9.29
N LEU A 441 -15.66 29.96 -10.06
CA LEU A 441 -15.89 28.64 -9.50
C LEU A 441 -14.59 27.85 -9.27
N ALA A 442 -13.44 28.46 -9.58
CA ALA A 442 -12.12 27.79 -9.51
C ALA A 442 -11.75 27.17 -8.16
N GLU A 443 -11.90 27.92 -7.07
CA GLU A 443 -11.48 27.45 -5.75
C GLU A 443 -12.29 26.24 -5.27
N ASP A 444 -13.62 26.27 -5.51
CA ASP A 444 -14.50 25.12 -5.26
C ASP A 444 -14.12 23.92 -6.14
N MET A 445 -13.80 24.17 -7.41
CA MET A 445 -13.41 23.08 -8.31
C MET A 445 -12.11 22.42 -7.89
N LYS A 446 -11.17 23.22 -7.38
CA LYS A 446 -9.94 22.70 -6.80
C LYS A 446 -10.18 21.77 -5.61
N VAL A 447 -11.04 22.16 -4.67
CA VAL A 447 -11.37 21.29 -3.53
C VAL A 447 -11.78 19.88 -3.97
N PHE A 448 -12.76 19.81 -4.87
CA PHE A 448 -13.23 18.54 -5.42
C PHE A 448 -12.15 17.83 -6.26
N ALA A 449 -11.65 18.50 -7.30
CA ALA A 449 -10.74 17.85 -8.24
C ALA A 449 -9.42 17.39 -7.60
N ASN A 450 -9.00 18.07 -6.54
CA ASN A 450 -7.82 17.67 -5.74
C ASN A 450 -7.92 16.23 -5.22
N HIS A 451 -9.15 15.74 -5.07
CA HIS A 451 -9.41 14.43 -4.46
C HIS A 451 -9.51 13.37 -5.53
N SER A 452 -9.37 13.77 -6.80
CA SER A 452 -9.62 12.88 -7.92
C SER A 452 -8.58 13.02 -9.04
N THR A 453 -7.31 12.83 -8.67
CA THR A 453 -6.19 12.86 -9.62
C THR A 453 -5.50 11.49 -9.83
N ARG A 454 -5.58 10.61 -8.84
CA ARG A 454 -4.86 9.33 -8.87
C ARG A 454 -5.71 8.21 -9.47
N MET A 455 -5.18 7.58 -10.50
CA MET A 455 -5.88 6.47 -11.12
C MET A 455 -5.17 5.18 -10.77
N ASP A 456 -5.95 4.18 -10.35
CA ASP A 456 -5.43 2.87 -9.94
C ASP A 456 -6.58 1.85 -9.95
N ASN A 457 -6.53 0.90 -10.89
CA ASN A 457 -7.55 -0.16 -10.98
C ASN A 457 -7.26 -1.37 -10.08
N LYS A 458 -6.21 -1.27 -9.29
CA LYS A 458 -5.78 -2.27 -8.33
C LYS A 458 -5.03 -3.47 -8.92
N THR A 459 -4.85 -3.47 -10.22
CA THR A 459 -4.10 -4.46 -10.94
C THR A 459 -2.99 -3.80 -11.79
N TRP A 460 -3.11 -3.92 -13.10
CA TRP A 460 -2.17 -3.44 -14.09
C TRP A 460 -2.12 -1.95 -14.45
N ALA A 461 -3.11 -1.18 -14.06
CA ALA A 461 -3.19 0.21 -14.50
C ALA A 461 -3.18 1.20 -13.35
N LYS A 462 -2.19 2.08 -13.35
CA LYS A 462 -2.13 3.17 -12.39
C LYS A 462 -1.30 4.32 -12.90
N SER A 463 -1.76 5.54 -12.65
CA SER A 463 -1.05 6.76 -13.02
C SER A 463 -1.67 7.95 -12.30
N GLY A 464 -0.89 9.02 -12.14
CA GLY A 464 -1.42 10.31 -11.72
C GLY A 464 -0.84 10.77 -10.41
N ARG A 465 -0.80 12.08 -10.20
CA ARG A 465 -0.44 12.67 -8.91
C ARG A 465 -1.35 12.04 -7.87
N GLU A 466 -0.84 11.81 -6.66
CA GLU A 466 -1.64 11.28 -5.57
C GLU A 466 -2.79 12.22 -5.24
N ASP A 467 -3.92 11.73 -4.77
CA ASP A 467 -5.02 12.58 -4.43
C ASP A 467 -4.73 13.37 -3.17
N ALA A 468 -5.14 14.62 -3.08
CA ALA A 468 -5.18 15.40 -1.85
C ALA A 468 -3.96 15.18 -0.91
N PRO A 469 -2.76 15.35 -1.41
CA PRO A 469 -1.56 15.02 -0.69
C PRO A 469 -1.40 15.77 0.62
N GLU A 470 -1.77 17.00 0.64
CA GLU A 470 -1.64 17.82 1.83
C GLU A 470 -2.61 17.35 2.91
N LEU A 471 -3.83 17.01 2.51
CA LEU A 471 -4.78 16.42 3.46
C LEU A 471 -4.28 15.07 3.99
N ARG A 472 -3.78 14.23 3.10
CA ARG A 472 -3.15 12.97 3.48
C ARG A 472 -2.14 13.20 4.59
N ALA A 473 -1.26 14.18 4.40
CA ALA A 473 -0.18 14.44 5.35
C ALA A 473 -0.71 14.85 6.74
N LYS A 474 -1.75 15.69 6.76
CA LYS A 474 -2.42 16.10 8.02
C LYS A 474 -3.07 14.93 8.75
N MET A 475 -3.70 14.03 7.99
CA MET A 475 -4.28 12.81 8.53
C MET A 475 -3.23 11.93 9.18
N ASP A 476 -2.10 11.76 8.50
CA ASP A 476 -0.98 10.96 9.00
C ASP A 476 -0.46 11.57 10.28
N GLU A 477 -0.36 12.90 10.30
CA GLU A 477 0.08 13.63 11.50
C GLU A 477 -0.86 13.38 12.68
N LEU A 478 -2.16 13.37 12.41
CA LEU A 478 -3.16 13.04 13.44
C LEU A 478 -2.93 11.66 14.04
N TRP A 479 -2.77 10.64 13.21
CA TRP A 479 -2.55 9.30 13.74
C TRP A 479 -1.22 9.26 14.53
N ASN A 480 -0.25 10.06 14.10
CA ASN A 480 1.06 10.09 14.74
C ASN A 480 0.98 10.70 16.13
N LYS A 481 0.38 11.88 16.23
CA LYS A 481 0.16 12.54 17.52
C LYS A 481 -0.65 11.68 18.51
N LEU A 482 -1.77 11.15 18.04
CA LEU A 482 -2.68 10.35 18.87
C LEU A 482 -2.05 9.07 19.38
N SER A 483 -1.23 8.41 18.56
CA SER A 483 -0.53 7.23 19.05
C SER A 483 0.75 7.56 19.79
N SER A 484 1.10 8.85 19.86
CA SER A 484 2.26 9.29 20.63
C SER A 484 1.89 10.05 21.91
N LYS A 485 0.63 9.93 22.33
CA LYS A 485 0.12 10.67 23.51
C LYS A 485 0.39 12.18 23.42
N GLU A 486 0.33 12.74 22.20
CA GLU A 486 0.53 14.17 22.00
C GLU A 486 -0.80 14.84 21.76
N ASP A 487 -0.89 16.11 22.12
CA ASP A 487 -2.13 16.86 21.98
C ASP A 487 -2.44 17.12 20.50
N ALA A 488 -3.57 16.63 20.03
CA ALA A 488 -3.97 16.86 18.63
C ALA A 488 -5.19 17.78 18.50
N SER A 489 -5.53 18.46 19.59
CA SER A 489 -6.66 19.40 19.65
C SER A 489 -6.81 20.28 18.42
N ALA A 490 -5.74 21.01 18.11
CA ALA A 490 -5.77 22.03 17.09
C ALA A 490 -5.85 21.40 15.70
N LEU A 491 -5.24 20.24 15.53
CA LEU A 491 -5.30 19.51 14.26
C LEU A 491 -6.68 18.89 14.03
N ILE A 492 -7.29 18.37 15.10
CA ILE A 492 -8.68 17.91 15.03
C ILE A 492 -9.61 19.03 14.54
N GLU A 493 -9.48 20.23 15.12
CA GLU A 493 -10.22 21.43 14.69
C GLU A 493 -10.01 21.75 13.21
N GLU A 494 -8.75 21.73 12.79
CA GLU A 494 -8.37 22.00 11.40
C GLU A 494 -8.98 21.01 10.40
N LEU A 495 -8.92 19.73 10.74
CA LEU A 495 -9.53 18.67 9.94
C LEU A 495 -11.06 18.77 9.83
N TYR A 496 -11.74 19.13 10.92
CA TYR A 496 -13.18 19.40 10.83
C TYR A 496 -13.45 20.47 9.76
N GLY A 497 -12.63 21.53 9.74
CA GLY A 497 -12.74 22.59 8.75
C GLY A 497 -12.57 22.11 7.32
N GLU A 498 -11.55 21.28 7.07
CA GLU A 498 -11.28 20.67 5.76
C GLU A 498 -12.43 19.82 5.28
N PHE A 499 -12.96 18.98 6.16
CA PHE A 499 -14.05 18.08 5.76
C PHE A 499 -15.32 18.87 5.49
N ALA A 500 -15.57 19.93 6.26
CA ALA A 500 -16.74 20.80 6.04
C ALA A 500 -16.58 21.54 4.72
N ARG A 501 -15.35 21.97 4.45
CA ARG A 501 -15.00 22.67 3.21
CA ARG A 501 -15.01 22.67 3.21
CA ARG A 501 -15.02 22.68 3.21
C ARG A 501 -15.22 21.76 2.00
N MET A 502 -14.87 20.48 2.14
CA MET A 502 -15.08 19.50 1.06
C MET A 502 -16.55 19.39 0.68
N GLU A 503 -17.43 19.27 1.68
CA GLU A 503 -18.88 19.17 1.48
C GLU A 503 -19.46 20.47 0.92
N GLU A 504 -18.99 21.60 1.42
CA GLU A 504 -19.43 22.93 0.97
C GLU A 504 -19.08 23.20 -0.51
N ALA A 505 -17.82 22.95 -0.86
CA ALA A 505 -17.38 23.09 -2.25
C ALA A 505 -18.22 22.24 -3.22
N CYS A 506 -18.43 20.97 -2.88
CA CYS A 506 -19.25 20.07 -3.70
C CYS A 506 -20.69 20.50 -3.82
N ASN A 507 -21.29 20.99 -2.73
CA ASN A 507 -22.62 21.57 -2.79
C ASN A 507 -22.70 22.79 -3.71
N ASN A 508 -21.67 23.62 -3.66
CA ASN A 508 -21.54 24.76 -4.56
C ASN A 508 -21.43 24.40 -6.03
N LEU A 509 -20.68 23.35 -6.31
CA LEU A 509 -20.49 22.86 -7.68
C LEU A 509 -21.77 22.22 -8.22
N LYS A 510 -22.48 21.49 -7.37
CA LYS A 510 -23.79 20.95 -7.72
C LYS A 510 -24.80 22.04 -8.14
N ALA A 511 -24.75 23.16 -7.44
CA ALA A 511 -25.64 24.30 -7.67
C ALA A 511 -25.22 25.19 -8.84
N ASN A 512 -23.92 25.30 -9.09
CA ASN A 512 -23.41 26.32 -10.02
C ASN A 512 -22.68 25.85 -11.28
N LEU A 513 -22.25 24.59 -11.31
CA LEU A 513 -21.64 24.02 -12.49
C LEU A 513 -22.67 23.97 -13.61
N PRO A 514 -22.24 24.23 -14.86
CA PRO A 514 -23.13 24.03 -15.98
C PRO A 514 -23.39 22.55 -16.23
N GLU A 515 -24.53 22.26 -16.86
CA GLU A 515 -24.94 20.90 -17.19
C GLU A 515 -23.82 20.12 -17.88
N VAL A 516 -23.05 20.79 -18.74
CA VAL A 516 -22.00 20.13 -19.51
C VAL A 516 -20.91 19.47 -18.62
N ALA A 517 -20.60 20.08 -17.46
CA ALA A 517 -19.69 19.47 -16.48
C ALA A 517 -20.46 18.54 -15.53
N LEU A 518 -21.57 19.06 -15.01
CA LEU A 518 -22.39 18.35 -14.03
C LEU A 518 -22.79 16.96 -14.50
N GLU A 519 -23.15 16.81 -15.77
CA GLU A 519 -23.51 15.50 -16.29
C GLU A 519 -22.37 14.48 -16.30
N GLU A 520 -21.13 14.98 -16.19
CA GLU A 520 -19.96 14.11 -16.14
C GLU A 520 -19.59 13.70 -14.71
N CYS A 521 -19.84 14.60 -13.74
CA CYS A 521 -19.29 14.44 -12.39
C CYS A 521 -20.30 14.43 -11.23
N SER A 522 -21.59 14.50 -11.51
CA SER A 522 -22.54 14.63 -10.40
C SER A 522 -22.47 13.46 -9.40
N ARG A 523 -22.24 12.24 -9.87
CA ARG A 523 -22.16 11.09 -8.95
C ARG A 523 -20.92 11.19 -8.06
N GLN A 524 -19.83 11.70 -8.62
CA GLN A 524 -18.60 11.87 -7.87
C GLN A 524 -18.71 13.03 -6.88
N LEU A 525 -19.48 14.06 -7.23
CA LEU A 525 -19.78 15.12 -6.24
C LEU A 525 -20.50 14.57 -5.01
N ASP A 526 -21.52 13.75 -5.22
CA ASP A 526 -22.29 13.18 -4.12
C ASP A 526 -21.44 12.24 -3.27
N GLU A 527 -20.56 11.50 -3.95
CA GLU A 527 -19.64 10.58 -3.33
C GLU A 527 -18.63 11.26 -2.37
N LEU A 528 -18.07 12.40 -2.79
CA LEU A 528 -17.14 13.15 -1.94
C LEU A 528 -17.86 13.81 -0.74
N ILE A 529 -19.12 14.20 -0.95
CA ILE A 529 -20.00 14.67 0.13
C ILE A 529 -20.18 13.59 1.18
N THR A 530 -20.59 12.39 0.74
CA THR A 530 -20.71 11.20 1.59
C THR A 530 -19.44 10.89 2.40
N LEU A 531 -18.29 11.00 1.74
CA LEU A 531 -16.99 10.73 2.39
C LEU A 531 -16.59 11.80 3.38
N ALA A 532 -16.80 13.07 3.01
CA ALA A 532 -16.62 14.21 3.93
C ALA A 532 -17.43 14.06 5.21
N GLN A 533 -18.66 13.57 5.05
CA GLN A 533 -19.58 13.31 6.17
C GLN A 533 -19.15 12.11 7.00
N GLY A 534 -18.53 11.12 6.34
CA GLY A 534 -17.95 9.97 7.04
C GLY A 534 -16.66 10.35 7.72
N ASP A 535 -15.94 11.28 7.11
CA ASP A 535 -14.72 11.83 7.68
C ASP A 535 -14.97 12.65 8.95
N LYS A 536 -16.05 13.43 8.95
CA LYS A 536 -16.49 14.18 10.13
C LYS A 536 -16.87 13.24 11.28
N ALA A 537 -17.67 12.22 10.95
CA ALA A 537 -18.06 11.16 11.88
C ALA A 537 -16.87 10.46 12.48
N SER A 538 -15.83 10.27 11.67
CA SER A 538 -14.57 9.66 12.10
C SER A 538 -13.91 10.45 13.21
N LEU A 539 -13.88 11.77 13.06
CA LEU A 539 -13.35 12.68 14.08
C LEU A 539 -14.23 12.66 15.31
N ASP A 540 -15.55 12.61 15.12
CA ASP A 540 -16.49 12.49 16.22
C ASP A 540 -16.22 11.26 17.06
N MET A 541 -15.82 10.14 16.43
CA MET A 541 -15.38 8.94 17.17
C MET A 541 -14.22 9.22 18.11
N ILE A 542 -13.19 9.89 17.59
CA ILE A 542 -12.00 10.27 18.36
C ILE A 542 -12.33 11.16 19.55
N VAL A 543 -13.08 12.22 19.31
CA VAL A 543 -13.47 13.14 20.37
C VAL A 543 -14.31 12.39 21.42
N ALA A 544 -15.19 11.49 20.96
CA ALA A 544 -16.01 10.69 21.87
C ALA A 544 -15.15 9.86 22.82
N GLN A 545 -14.11 9.23 22.25
CA GLN A 545 -13.16 8.44 23.04
C GLN A 545 -12.41 9.30 24.05
N LEU A 546 -12.00 10.49 23.60
CA LEU A 546 -11.33 11.46 24.47
C LEU A 546 -12.23 11.90 25.62
N ASN A 547 -13.52 12.04 25.32
CA ASN A 547 -14.52 12.42 26.31
C ASN A 547 -15.10 11.23 27.06
N GLU A 548 -14.64 10.04 26.71
CA GLU A 548 -15.14 8.77 27.26
C GLU A 548 -16.68 8.71 27.24
N ASP A 549 -17.25 9.07 26.09
CA ASP A 549 -18.68 9.07 25.87
C ASP A 549 -18.96 7.93 24.90
N THR A 550 -19.41 6.80 25.46
CA THR A 550 -19.56 5.57 24.67
C THR A 550 -20.77 5.65 23.74
N GLU A 551 -21.82 6.36 24.19
CA GLU A 551 -23.04 6.59 23.40
C GLU A 551 -22.75 7.47 22.19
N ALA A 552 -21.99 8.53 22.39
CA ALA A 552 -21.49 9.38 21.31
C ALA A 552 -20.50 8.63 20.40
N TYR A 553 -19.67 7.77 20.99
CA TYR A 553 -18.76 6.96 20.21
C TYR A 553 -19.53 6.01 19.29
N GLU A 554 -20.49 5.28 19.85
CA GLU A 554 -21.22 4.27 19.10
C GLU A 554 -22.10 4.85 17.99
N SER A 555 -22.68 6.02 18.23
CA SER A 555 -23.49 6.68 17.21
C SER A 555 -22.59 7.14 16.04
N ALA A 556 -21.50 7.83 16.36
CA ALA A 556 -20.54 8.27 15.35
C ALA A 556 -19.93 7.11 14.57
N LYS A 557 -19.62 6.00 15.25
CA LYS A 557 -19.12 4.77 14.60
C LYS A 557 -20.11 4.20 13.60
N GLU A 558 -21.38 4.15 13.98
CA GLU A 558 -22.44 3.67 13.08
C GLU A 558 -22.57 4.58 11.85
N ILE A 559 -22.56 5.88 12.05
CA ILE A 559 -22.58 6.83 10.92
C ILE A 559 -21.35 6.66 10.00
N ALA A 560 -20.15 6.65 10.57
CA ALA A 560 -18.91 6.51 9.80
C ALA A 560 -18.91 5.24 8.92
N GLN A 561 -19.26 4.12 9.51
CA GLN A 561 -19.35 2.85 8.79
C GLN A 561 -20.35 2.88 7.63
N ASN A 562 -21.49 3.54 7.86
CA ASN A 562 -22.52 3.72 6.85
C ASN A 562 -22.02 4.53 5.68
N LYS A 563 -21.32 5.63 5.97
CA LYS A 563 -20.82 6.53 4.92
C LYS A 563 -19.74 5.84 4.10
N LEU A 564 -18.89 5.07 4.78
CA LEU A 564 -17.90 4.24 4.09
C LEU A 564 -18.57 3.21 3.18
N ASN A 565 -19.52 2.46 3.73
CA ASN A 565 -20.23 1.43 2.98
C ASN A 565 -20.95 1.97 1.75
N THR A 566 -21.55 3.15 1.85
CA THR A 566 -22.21 3.67 0.66
C THR A 566 -21.20 4.06 -0.43
N ALA A 567 -20.09 4.68 -0.03
CA ALA A 567 -19.01 5.00 -0.97
C ALA A 567 -18.47 3.75 -1.69
N LEU A 568 -18.24 2.69 -0.93
CA LEU A 568 -17.77 1.43 -1.49
C LEU A 568 -18.73 0.78 -2.47
N SER A 569 -20.04 0.88 -2.20
CA SER A 569 -21.06 0.29 -3.07
C SER A 569 -21.34 1.07 -4.34
N SER A 570 -21.27 2.41 -4.24
CA SER A 570 -21.57 3.30 -5.36
CA SER A 570 -21.60 3.26 -5.37
C SER A 570 -20.65 3.08 -6.56
N PHE A 571 -21.15 3.31 -7.75
CA PHE A 571 -20.33 3.24 -8.97
C PHE A 571 -19.19 4.28 -8.93
N ALA A 572 -19.48 5.45 -8.37
CA ALA A 572 -18.54 6.55 -8.35
C ALA A 572 -17.38 6.21 -7.45
N VAL A 573 -16.19 6.68 -7.81
CA VAL A 573 -15.00 6.46 -7.00
C VAL A 573 -14.21 7.75 -6.87
N ILE A 574 -13.76 8.05 -5.66
CA ILE A 574 -12.99 9.25 -5.44
C ILE A 574 -12.20 9.06 -4.15
N SER A 575 -11.01 9.65 -4.13
CA SER A 575 -10.19 9.81 -2.92
C SER A 575 -9.95 8.52 -2.11
N GLU A 576 -9.73 7.40 -2.80
CA GLU A 576 -9.63 6.09 -2.14
C GLU A 576 -8.61 6.08 -1.01
N LYS A 577 -7.42 6.61 -1.30
CA LYS A 577 -6.32 6.58 -0.33
C LYS A 577 -6.42 7.65 0.74
N VAL A 578 -7.38 8.57 0.62
CA VAL A 578 -7.41 9.74 1.52
C VAL A 578 -8.73 9.81 2.28
N ALA A 579 -9.74 10.48 1.71
CA ALA A 579 -11.06 10.65 2.35
C ALA A 579 -11.77 9.32 2.62
N GLN A 580 -11.60 8.36 1.73
CA GLN A 580 -12.19 7.05 1.95
C GLN A 580 -11.39 6.28 2.99
N SER A 581 -10.10 6.13 2.76
CA SER A 581 -9.27 5.34 3.64
C SER A 581 -9.24 5.92 5.05
N PHE A 582 -9.38 7.23 5.22
CA PHE A 582 -9.41 7.83 6.57
C PHE A 582 -10.50 7.24 7.46
N ILE A 583 -11.66 6.96 6.87
CA ILE A 583 -12.79 6.37 7.62
C ILE A 583 -12.41 5.00 8.17
N GLN A 584 -11.83 4.14 7.33
CA GLN A 584 -11.43 2.82 7.79
C GLN A 584 -10.36 2.92 8.88
N GLU A 585 -9.41 3.84 8.72
CA GLU A 585 -8.36 4.07 9.71
C GLU A 585 -8.97 4.47 11.06
N ALA A 586 -9.90 5.42 11.03
CA ALA A 586 -10.60 5.88 12.24
C ALA A 586 -11.43 4.80 12.86
N LEU A 587 -12.14 4.04 12.03
CA LEU A 587 -12.95 2.92 12.52
C LEU A 587 -12.11 1.95 13.31
N SER A 588 -10.92 1.64 12.79
CA SER A 588 -10.03 0.63 13.40
C SER A 588 -9.18 1.16 14.54
N PHE A 589 -9.08 2.46 14.65
CA PHE A 589 -8.32 3.11 15.71
C PHE A 589 -9.07 2.99 17.05
N ASP A 590 -8.32 2.87 18.14
CA ASP A 590 -8.89 2.73 19.48
C ASP A 590 -7.96 3.43 20.46
N LEU A 591 -8.36 4.62 20.90
CA LEU A 591 -7.54 5.52 21.73
C LEU A 591 -7.21 4.95 23.11
N THR A 592 -8.10 4.11 23.62
CA THR A 592 -7.95 3.56 24.97
C THR A 592 -6.75 2.63 25.13
N LEU A 593 -6.13 2.24 24.01
CA LEU A 593 -5.02 1.29 24.05
C LEU A 593 -3.69 2.01 23.97
N ILE A 594 -3.73 3.33 23.73
CA ILE A 594 -2.51 4.14 23.69
C ILE A 594 -1.99 4.42 25.12
N VAL B 11 13.52 -46.14 14.62
CA VAL B 11 12.62 -45.03 15.09
C VAL B 11 13.20 -43.63 14.83
N LEU B 12 12.36 -42.76 14.26
CA LEU B 12 12.75 -41.41 13.85
C LEU B 12 12.72 -40.44 15.03
N VAL B 13 13.46 -39.34 14.91
CA VAL B 13 13.40 -38.28 15.93
C VAL B 13 12.15 -37.45 15.65
N PRO B 14 11.16 -37.46 16.59
CA PRO B 14 9.92 -36.71 16.39
C PRO B 14 10.17 -35.21 16.43
N ASN B 15 9.16 -34.42 16.03
CA ASN B 15 9.23 -32.96 16.16
C ASN B 15 9.56 -32.60 17.60
N LEU B 16 10.50 -31.67 17.77
CA LEU B 16 10.89 -31.21 19.11
C LEU B 16 10.76 -29.70 19.25
N ASN B 17 10.30 -29.25 20.41
CA ASN B 17 10.23 -27.83 20.72
C ASN B 17 10.56 -27.45 22.16
N PRO B 18 11.52 -26.52 22.35
CA PRO B 18 12.43 -25.94 21.34
C PRO B 18 13.40 -26.92 20.70
N THR B 19 14.05 -26.48 19.62
CA THR B 19 15.14 -27.22 18.97
C THR B 19 16.29 -27.37 19.97
N PRO B 20 16.67 -28.63 20.31
CA PRO B 20 17.84 -28.81 21.19
C PRO B 20 19.12 -28.36 20.52
N GLU B 21 20.00 -27.72 21.30
CA GLU B 21 21.24 -27.16 20.78
C GLU B 21 22.13 -28.22 20.13
N ASN B 22 22.28 -29.36 20.80
CA ASN B 22 23.06 -30.47 20.26
C ASN B 22 22.29 -31.78 20.32
N LEU B 23 22.07 -32.39 19.16
CA LEU B 23 21.42 -33.69 19.08
C LEU B 23 22.09 -34.52 18.00
N GLU B 24 22.52 -35.72 18.39
CA GLU B 24 23.09 -36.70 17.46
C GLU B 24 22.39 -38.04 17.63
N VAL B 25 21.95 -38.62 16.51
CA VAL B 25 21.33 -39.94 16.51
C VAL B 25 22.43 -40.99 16.65
N VAL B 26 22.27 -41.85 17.65
CA VAL B 26 23.34 -42.72 18.10
C VAL B 26 23.00 -44.23 17.96
N GLY B 27 21.77 -44.51 17.49
CA GLY B 27 21.35 -45.87 17.20
C GLY B 27 20.03 -45.96 16.44
N ASP B 28 19.42 -47.15 16.48
CA ASP B 28 18.18 -47.43 15.76
C ASP B 28 16.95 -47.13 16.61
N GLY B 29 17.20 -46.81 17.88
CA GLY B 29 16.11 -46.57 18.83
C GLY B 29 15.60 -47.87 19.42
N PHE B 30 14.72 -47.75 20.41
CA PHE B 30 14.15 -48.93 21.08
C PHE B 30 12.77 -48.67 21.65
N LYS B 31 12.09 -49.75 22.04
CA LYS B 31 10.79 -49.66 22.68
C LYS B 31 10.91 -49.77 24.20
N ILE B 32 10.26 -48.85 24.89
CA ILE B 32 10.16 -48.88 26.35
C ILE B 32 9.16 -49.97 26.74
N THR B 33 9.56 -50.82 27.69
CA THR B 33 8.73 -51.91 28.19
C THR B 33 7.50 -51.39 28.95
N SER B 34 6.58 -52.28 29.30
CA SER B 34 5.36 -51.91 30.01
C SER B 34 5.64 -51.41 31.43
N SER B 35 6.83 -51.73 31.93
CA SER B 35 7.29 -51.31 33.25
C SER B 35 8.74 -50.83 33.18
N ILE B 36 9.07 -49.81 33.98
CA ILE B 36 10.44 -49.29 33.98
C ILE B 36 11.09 -49.28 35.36
N ASN B 37 12.41 -49.42 35.37
CA ASN B 37 13.19 -49.22 36.58
C ASN B 37 13.50 -47.74 36.74
N LEU B 38 12.96 -47.14 37.80
CA LEU B 38 13.22 -45.74 38.08
C LEU B 38 14.36 -45.64 39.07
N VAL B 39 15.46 -45.07 38.63
CA VAL B 39 16.61 -44.79 39.46
C VAL B 39 17.03 -43.34 39.18
N GLY B 40 17.21 -42.56 40.24
CA GLY B 40 16.12 -42.21 41.12
C GLY B 40 15.98 -40.72 41.32
N GLU B 41 14.92 -40.04 41.68
CA GLU B 41 13.67 -40.34 42.19
C GLU B 41 13.71 -39.83 43.65
N GLU B 42 14.73 -39.11 44.12
CA GLU B 42 14.66 -38.72 45.52
C GLU B 42 15.77 -37.73 45.87
N GLU B 43 16.78 -37.94 45.05
CA GLU B 43 17.87 -37.07 44.75
C GLU B 43 17.24 -35.92 43.95
N ALA B 44 16.18 -36.27 43.20
CA ALA B 44 15.28 -35.38 42.37
C ALA B 44 15.94 -34.67 41.24
N ASP B 45 15.56 -33.46 40.78
CA ASP B 45 14.59 -32.44 41.23
C ASP B 45 13.16 -32.93 41.39
N GLU B 46 12.44 -32.49 42.42
CA GLU B 46 11.17 -33.11 42.75
C GLU B 46 10.13 -32.85 41.65
N ASN B 47 10.19 -31.66 41.06
CA ASN B 47 9.15 -31.22 40.13
C ASN B 47 9.31 -31.89 38.77
N ALA B 48 10.56 -32.10 38.39
CA ALA B 48 10.91 -32.93 37.26
C ALA B 48 10.39 -34.36 37.39
N VAL B 49 10.62 -34.94 38.54
CA VAL B 49 10.20 -36.26 38.90
C VAL B 49 8.70 -36.43 38.80
N ASN B 50 7.95 -35.52 39.36
CA ASN B 50 6.48 -35.55 39.27
C ASN B 50 5.98 -35.43 37.83
N ALA B 51 6.71 -34.65 37.02
CA ALA B 51 6.42 -34.50 35.60
C ALA B 51 6.64 -35.82 34.87
N LEU B 52 7.70 -36.53 35.25
CA LEU B 52 8.00 -37.84 34.67
C LEU B 52 6.95 -38.87 35.06
N ARG B 53 6.62 -38.93 36.34
CA ARG B 53 5.59 -39.83 36.88
C ARG B 53 4.23 -39.58 36.23
N GLU B 54 3.98 -38.31 35.90
CA GLU B 54 2.76 -37.89 35.22
C GLU B 54 2.69 -38.44 33.79
N PHE B 55 3.83 -38.39 33.09
CA PHE B 55 3.94 -38.89 31.71
C PHE B 55 3.87 -40.41 31.62
N LEU B 56 4.53 -41.08 32.56
CA LEU B 56 4.48 -42.55 32.66
C LEU B 56 3.05 -43.03 32.91
N THR B 57 2.39 -42.41 33.89
CA THR B 57 0.99 -42.71 34.22
C THR B 57 0.06 -42.59 32.99
N ALA B 58 0.29 -41.55 32.19
CA ALA B 58 -0.54 -41.25 31.03
C ALA B 58 -0.29 -42.21 29.88
N ASN B 59 0.92 -42.75 29.80
CA ASN B 59 1.31 -43.66 28.73
C ASN B 59 1.30 -45.14 29.13
N ASN B 60 0.67 -45.44 30.27
CA ASN B 60 0.50 -46.80 30.81
C ASN B 60 1.81 -47.55 31.00
N ILE B 61 2.80 -46.84 31.58
CA ILE B 61 4.09 -47.41 31.91
C ILE B 61 4.22 -47.42 33.44
N GLU B 62 4.31 -48.61 34.01
CA GLU B 62 4.39 -48.76 35.47
C GLU B 62 5.84 -48.73 35.95
N ILE B 63 6.04 -48.30 37.20
CA ILE B 63 7.38 -48.24 37.77
C ILE B 63 7.64 -49.47 38.64
N ASN B 64 8.75 -50.15 38.35
CA ASN B 64 9.16 -51.32 39.11
C ASN B 64 9.63 -50.94 40.52
N SER B 65 8.85 -51.33 41.53
CA SER B 65 9.18 -51.06 42.95
C SER B 65 10.52 -51.68 43.33
N GLU B 66 10.74 -52.93 42.87
CA GLU B 66 12.05 -53.54 42.92
C GLU B 66 12.56 -53.74 41.49
N ASN B 67 13.88 -53.77 41.33
CA ASN B 67 14.52 -53.84 40.02
C ASN B 67 14.10 -55.02 39.13
N ASP B 68 14.33 -54.88 37.82
CA ASP B 68 14.10 -55.92 36.82
C ASP B 68 15.02 -55.68 35.61
N PRO B 69 16.08 -56.49 35.45
CA PRO B 69 17.08 -56.25 34.41
C PRO B 69 16.57 -56.46 32.98
N ASN B 70 15.35 -56.96 32.86
CA ASN B 70 14.70 -57.10 31.56
C ASN B 70 14.02 -55.80 31.11
N SER B 71 13.56 -55.02 32.09
CA SER B 71 12.83 -53.78 31.87
C SER B 71 13.75 -52.65 31.41
N THR B 72 13.13 -51.61 30.84
CA THR B 72 13.82 -50.37 30.49
C THR B 72 14.15 -49.61 31.78
N THR B 73 15.36 -49.04 31.84
CA THR B 73 15.78 -48.24 32.99
C THR B 73 15.90 -46.75 32.66
N LEU B 74 15.33 -45.93 33.54
CA LEU B 74 15.44 -44.48 33.42
C LEU B 74 16.22 -43.95 34.63
N ILE B 75 17.39 -43.38 34.37
CA ILE B 75 18.19 -42.75 35.40
C ILE B 75 18.09 -41.22 35.31
N ILE B 76 17.74 -40.59 36.44
CA ILE B 76 17.48 -39.14 36.48
C ILE B 76 18.16 -38.44 37.67
N GLY B 77 18.78 -37.29 37.43
CA GLY B 77 19.35 -36.48 38.49
C GLY B 77 20.08 -35.25 37.97
N GLU B 78 20.68 -34.49 38.89
CA GLU B 78 21.50 -33.35 38.49
C GLU B 78 22.99 -33.54 38.78
N VAL B 79 23.80 -32.61 38.29
CA VAL B 79 25.28 -32.68 38.32
C VAL B 79 25.90 -32.79 39.73
N ASP B 80 25.27 -32.19 40.71
CA ASP B 80 25.76 -32.20 42.06
C ASP B 80 25.28 -33.45 42.72
N ASP B 81 24.99 -34.43 41.91
CA ASP B 81 24.70 -35.69 42.47
C ASP B 81 25.78 -36.63 42.10
N ASP B 82 26.05 -37.53 43.05
CA ASP B 82 26.80 -38.77 42.84
C ASP B 82 25.80 -39.86 42.62
N ILE B 83 25.47 -40.12 41.37
CA ILE B 83 24.72 -41.29 41.05
C ILE B 83 25.50 -42.07 40.07
N PRO B 84 26.24 -43.06 40.57
CA PRO B 84 27.16 -43.84 39.72
C PRO B 84 26.50 -44.46 38.49
N GLU B 85 25.25 -44.92 38.64
CA GLU B 85 24.49 -45.45 37.50
C GLU B 85 24.32 -44.40 36.41
N LEU B 86 24.02 -43.16 36.82
CA LEU B 86 23.82 -42.04 35.90
C LEU B 86 25.09 -41.79 35.08
N ASP B 87 26.24 -41.77 35.75
CA ASP B 87 27.54 -41.55 35.10
C ASP B 87 27.83 -42.56 33.99
N GLU B 88 27.46 -43.82 34.23
CA GLU B 88 27.75 -44.91 33.30
C GLU B 88 26.86 -44.86 32.06
N ALA B 89 25.55 -44.69 32.26
CA ALA B 89 24.60 -44.58 31.16
C ALA B 89 24.92 -43.37 30.24
N LEU B 90 25.34 -42.27 30.86
CA LEU B 90 25.74 -41.06 30.15
C LEU B 90 26.95 -41.28 29.24
N ASN B 91 27.91 -42.07 29.72
CA ASN B 91 29.12 -42.44 28.97
C ASN B 91 29.90 -41.28 28.34
N GLY B 92 30.36 -40.37 29.18
CA GLY B 92 31.17 -39.23 28.74
C GLY B 92 30.40 -37.93 28.57
N THR B 93 29.13 -38.06 28.18
CA THR B 93 28.24 -36.91 27.97
C THR B 93 27.73 -36.40 29.32
N THR B 94 27.84 -35.09 29.53
CA THR B 94 27.45 -34.50 30.83
C THR B 94 26.90 -33.07 30.72
N ALA B 95 26.12 -32.69 31.74
CA ALA B 95 25.57 -31.34 31.85
C ALA B 95 26.52 -30.42 32.64
N GLU B 96 27.67 -30.96 33.02
CA GLU B 96 28.68 -30.30 33.87
C GLU B 96 29.04 -28.87 33.47
N ASN B 97 29.45 -28.67 32.22
CA ASN B 97 29.94 -27.38 31.77
C ASN B 97 28.90 -26.58 30.97
N LEU B 98 27.62 -26.90 31.18
CA LEU B 98 26.51 -26.19 30.56
C LEU B 98 26.03 -25.04 31.45
N LYS B 99 25.36 -24.05 30.85
CA LYS B 99 24.82 -22.94 31.62
C LYS B 99 23.61 -23.40 32.43
N GLU B 100 23.05 -22.48 33.23
CA GLU B 100 21.85 -22.74 34.01
C GLU B 100 20.71 -23.22 33.10
N GLU B 101 19.85 -24.08 33.64
CA GLU B 101 18.72 -24.69 32.90
C GLU B 101 19.17 -25.71 31.86
N GLY B 102 20.48 -25.90 31.73
CA GLY B 102 21.05 -26.88 30.82
C GLY B 102 20.81 -28.31 31.28
N TYR B 103 20.97 -29.25 30.35
CA TYR B 103 20.81 -30.68 30.65
C TYR B 103 21.46 -31.56 29.58
N ALA B 104 21.70 -32.81 29.93
CA ALA B 104 22.09 -33.84 28.98
C ALA B 104 21.04 -34.94 29.01
N LEU B 105 20.78 -35.52 27.84
CA LEU B 105 19.90 -36.68 27.72
C LEU B 105 20.59 -37.69 26.83
N VAL B 106 20.70 -38.92 27.35
CA VAL B 106 21.30 -40.02 26.58
C VAL B 106 20.32 -41.19 26.45
N SER B 107 20.09 -41.58 25.21
CA SER B 107 19.19 -42.66 24.86
C SER B 107 20.00 -43.74 24.16
N ASN B 108 20.23 -44.87 24.85
CA ASN B 108 20.99 -46.00 24.28
C ASN B 108 20.84 -47.28 25.10
N ASP B 109 20.47 -48.37 24.42
CA ASP B 109 20.45 -49.73 25.02
C ASP B 109 19.45 -49.91 26.17
N GLY B 110 18.18 -49.57 25.93
CA GLY B 110 17.14 -49.79 26.94
C GLY B 110 17.36 -48.98 28.21
N LYS B 111 18.17 -47.92 28.08
CA LYS B 111 18.45 -46.98 29.17
C LYS B 111 18.33 -45.54 28.67
N ILE B 112 17.60 -44.72 29.43
CA ILE B 112 17.58 -43.27 29.19
C ILE B 112 18.08 -42.52 30.43
N ALA B 113 19.16 -41.75 30.26
CA ALA B 113 19.76 -40.99 31.35
C ALA B 113 19.52 -39.48 31.19
N ILE B 114 18.90 -38.88 32.22
CA ILE B 114 18.67 -37.44 32.25
C ILE B 114 19.49 -36.81 33.39
N GLU B 115 20.49 -36.02 33.00
CA GLU B 115 21.26 -35.20 33.95
C GLU B 115 21.02 -33.70 33.74
N GLY B 116 20.49 -33.03 34.76
CA GLY B 116 20.35 -31.57 34.71
C GLY B 116 21.58 -30.87 35.27
N LYS B 117 22.02 -29.81 34.64
CA LYS B 117 22.84 -28.83 35.27
C LYS B 117 22.23 -28.34 36.56
N ASP B 118 20.93 -28.04 36.56
CA ASP B 118 20.21 -27.74 37.79
C ASP B 118 18.83 -28.38 37.79
N GLY B 119 18.04 -28.08 38.82
CA GLY B 119 16.72 -28.66 38.96
C GLY B 119 15.78 -28.23 37.84
N ASP B 120 15.99 -27.02 37.35
CA ASP B 120 15.28 -26.54 36.16
C ASP B 120 15.60 -27.40 34.94
N GLY B 121 16.88 -27.75 34.78
CA GLY B 121 17.35 -28.40 33.60
C GLY B 121 17.01 -29.87 33.58
N THR B 122 16.80 -30.42 34.75
CA THR B 122 16.34 -31.77 34.92
C THR B 122 14.90 -31.83 34.45
N PHE B 123 14.15 -30.82 34.82
CA PHE B 123 12.76 -30.68 34.41
C PHE B 123 12.63 -30.55 32.90
N TYR B 124 13.60 -29.88 32.27
CA TYR B 124 13.60 -29.72 30.80
C TYR B 124 14.08 -30.96 30.06
N GLY B 125 14.89 -31.78 30.73
CA GLY B 125 15.32 -33.06 30.16
C GLY B 125 14.10 -33.93 29.97
N VAL B 126 13.31 -34.02 31.05
CA VAL B 126 12.01 -34.66 31.04
C VAL B 126 11.16 -34.12 29.89
N GLN B 127 10.94 -32.81 29.84
CA GLN B 127 10.14 -32.20 28.76
C GLN B 127 10.54 -32.69 27.37
N THR B 128 11.84 -32.72 27.09
CA THR B 128 12.38 -33.25 25.84
C THR B 128 12.05 -34.75 25.69
N PHE B 129 12.37 -35.53 26.73
CA PHE B 129 12.01 -36.94 26.81
C PHE B 129 10.57 -37.17 26.36
N LYS B 130 9.64 -36.47 27.01
CA LYS B 130 8.21 -36.54 26.69
C LYS B 130 7.89 -36.35 25.20
N GLN B 131 8.61 -35.44 24.55
CA GLN B 131 8.43 -35.17 23.12
C GLN B 131 9.06 -36.27 22.27
N LEU B 132 10.08 -36.91 22.83
CA LEU B 132 10.93 -37.87 22.14
C LEU B 132 10.23 -39.22 21.95
N VAL B 133 9.34 -39.54 22.88
CA VAL B 133 8.67 -40.84 22.94
C VAL B 133 7.37 -40.85 22.13
N LYS B 134 7.31 -41.75 21.14
CA LYS B 134 6.09 -42.02 20.37
C LYS B 134 5.72 -43.50 20.45
N GLU B 135 4.57 -43.79 21.06
CA GLU B 135 4.04 -45.15 21.19
C GLU B 135 5.04 -46.11 21.82
N SER B 136 5.58 -45.70 22.96
CA SER B 136 6.63 -46.39 23.72
C SER B 136 7.97 -46.53 22.98
N ASN B 137 8.08 -45.97 21.79
CA ASN B 137 9.34 -45.97 21.03
C ASN B 137 10.13 -44.67 21.27
N ILE B 138 11.46 -44.78 21.21
CA ILE B 138 12.33 -43.63 21.43
C ILE B 138 13.63 -43.78 20.65
N PRO B 139 14.01 -42.75 19.87
CA PRO B 139 15.25 -42.86 19.09
C PRO B 139 16.43 -42.91 20.04
N GLU B 140 17.57 -43.38 19.54
CA GLU B 140 18.78 -43.40 20.36
C GLU B 140 19.62 -42.17 20.07
N VAL B 141 19.71 -41.29 21.07
CA VAL B 141 20.24 -39.95 20.90
C VAL B 141 21.19 -39.52 22.02
N ASN B 142 22.18 -38.71 21.66
CA ASN B 142 22.96 -37.91 22.60
C ASN B 142 22.57 -36.44 22.51
N ILE B 143 22.03 -35.91 23.59
CA ILE B 143 21.66 -34.49 23.67
C ILE B 143 22.45 -33.75 24.75
N THR B 144 23.00 -32.59 24.38
CA THR B 144 23.28 -31.52 25.34
C THR B 144 22.51 -30.27 24.91
N ASP B 145 21.80 -29.67 25.87
CA ASP B 145 20.84 -28.61 25.58
C ASP B 145 20.90 -27.50 26.64
N TYR B 146 20.63 -26.27 26.20
CA TYR B 146 20.63 -25.06 27.05
C TYR B 146 20.01 -23.89 26.25
N PRO B 147 19.45 -22.87 26.94
CA PRO B 147 18.82 -21.74 26.23
C PRO B 147 19.77 -20.63 25.78
N THR B 148 19.43 -19.96 24.68
CA THR B 148 20.15 -18.76 24.25
C THR B 148 19.91 -17.63 25.24
N VAL B 149 18.64 -17.42 25.58
CA VAL B 149 18.17 -16.33 26.41
C VAL B 149 17.73 -16.84 27.79
N SER B 150 18.19 -16.14 28.84
CA SER B 150 17.97 -16.58 30.22
C SER B 150 16.52 -16.58 30.64
N ALA B 151 15.79 -15.55 30.22
CA ALA B 151 14.37 -15.40 30.57
C ALA B 151 13.53 -15.40 29.31
N ARG B 152 12.58 -16.31 29.26
CA ARG B 152 11.77 -16.54 28.07
C ARG B 152 10.34 -16.78 28.52
N GLY B 153 9.40 -15.97 28.05
CA GLY B 153 8.03 -16.13 28.52
C GLY B 153 6.98 -15.21 27.94
N ILE B 154 5.96 -14.98 28.75
CA ILE B 154 4.74 -14.29 28.34
C ILE B 154 4.51 -13.14 29.30
N VAL B 155 4.03 -12.03 28.74
CA VAL B 155 3.46 -10.96 29.58
C VAL B 155 1.94 -10.89 29.34
N GLU B 156 1.16 -11.02 30.41
CA GLU B 156 -0.30 -11.01 30.28
C GLU B 156 -0.80 -9.57 30.17
N GLY B 157 -0.39 -8.90 29.09
CA GLY B 157 -0.63 -7.47 28.96
C GLY B 157 -1.68 -7.04 27.95
N PHE B 158 -2.55 -7.97 27.53
CA PHE B 158 -3.55 -7.67 26.52
C PHE B 158 -4.79 -7.04 27.14
N TYR B 159 -5.39 -6.11 26.41
CA TYR B 159 -6.72 -5.62 26.72
C TYR B 159 -7.78 -6.57 26.14
N GLY B 160 -9.01 -6.40 26.60
CA GLY B 160 -10.14 -7.21 26.15
C GLY B 160 -10.47 -8.24 27.21
N THR B 161 -11.34 -9.19 26.88
CA THR B 161 -11.73 -10.17 27.88
C THR B 161 -10.56 -11.03 28.39
N PRO B 162 -10.35 -11.00 29.72
CA PRO B 162 -9.22 -11.69 30.35
C PRO B 162 -9.29 -13.19 30.22
N TRP B 163 -8.13 -13.82 30.30
CA TRP B 163 -8.05 -15.25 30.46
C TRP B 163 -8.81 -15.66 31.72
N THR B 164 -9.44 -16.83 31.67
CA THR B 164 -10.04 -17.41 32.87
C THR B 164 -8.95 -18.03 33.72
N HIS B 165 -9.27 -18.40 34.95
CA HIS B 165 -8.33 -19.06 35.83
C HIS B 165 -7.79 -20.37 35.22
N GLN B 166 -8.67 -21.13 34.59
CA GLN B 166 -8.28 -22.38 33.94
C GLN B 166 -7.37 -22.16 32.72
N ASP B 167 -7.62 -21.07 31.98
CA ASP B 167 -6.76 -20.69 30.85
C ASP B 167 -5.33 -20.51 31.36
N ARG B 168 -5.21 -19.81 32.48
CA ARG B 168 -3.92 -19.48 33.07
C ARG B 168 -3.19 -20.72 33.54
N LEU B 169 -3.88 -21.58 34.29
CA LEU B 169 -3.31 -22.87 34.70
C LEU B 169 -2.84 -23.69 33.50
N ASP B 170 -3.70 -23.78 32.48
CA ASP B 170 -3.34 -24.46 31.23
C ASP B 170 -2.12 -23.84 30.55
N GLN B 171 -2.06 -22.51 30.53
CA GLN B 171 -0.96 -21.79 29.90
C GLN B 171 0.34 -22.06 30.63
N ILE B 172 0.31 -21.96 31.97
CA ILE B 172 1.48 -22.27 32.81
C ILE B 172 2.06 -23.68 32.48
N LYS B 173 1.18 -24.67 32.44
CA LYS B 173 1.54 -26.04 32.03
C LYS B 173 2.16 -26.07 30.64
N PHE B 174 1.52 -25.37 29.70
CA PHE B 174 2.03 -25.26 28.32
C PHE B 174 3.41 -24.61 28.24
N TYR B 175 3.65 -23.56 29.04
CA TYR B 175 4.98 -22.92 29.06
C TYR B 175 6.05 -23.90 29.53
N GLY B 176 5.77 -24.58 30.64
CA GLY B 176 6.64 -25.66 31.11
C GLY B 176 7.03 -26.61 29.99
N GLU B 177 6.03 -27.15 29.29
CA GLU B 177 6.26 -28.16 28.24
C GLU B 177 7.18 -27.68 27.11
N ASN B 178 7.19 -26.37 26.87
CA ASN B 178 8.01 -25.79 25.82
C ASN B 178 9.19 -24.95 26.35
N LYS B 179 9.52 -25.13 27.62
CA LYS B 179 10.73 -24.55 28.25
C LYS B 179 10.70 -23.02 28.37
N LEU B 180 9.52 -22.46 28.58
CA LEU B 180 9.38 -21.05 28.86
C LEU B 180 9.32 -20.88 30.37
N ASN B 181 10.17 -19.99 30.89
CA ASN B 181 10.40 -19.87 32.34
C ASN B 181 9.88 -18.59 32.98
N THR B 182 9.08 -17.83 32.24
CA THR B 182 8.62 -16.50 32.70
C THR B 182 7.16 -16.26 32.37
N TYR B 183 6.41 -15.87 33.39
CA TYR B 183 5.02 -15.48 33.23
C TYR B 183 4.76 -14.22 34.04
N ILE B 184 4.62 -13.09 33.36
CA ILE B 184 4.31 -11.85 34.05
C ILE B 184 2.80 -11.72 34.25
N TYR B 185 2.40 -11.82 35.50
CA TYR B 185 1.02 -11.75 35.91
C TYR B 185 0.62 -10.30 36.14
N ALA B 186 -0.18 -9.77 35.23
CA ALA B 186 -0.70 -8.43 35.30
C ALA B 186 -2.02 -8.24 34.59
N PRO B 187 -3.07 -8.95 34.95
CA PRO B 187 -4.34 -8.84 34.27
C PRO B 187 -5.15 -7.61 34.55
N LYS B 188 -5.93 -7.19 33.59
CA LYS B 188 -6.78 -6.01 33.74
C LYS B 188 -7.90 -6.28 34.74
N ASP B 189 -8.27 -7.54 34.91
CA ASP B 189 -9.37 -7.91 35.79
C ASP B 189 -8.98 -8.13 37.25
N ASP B 190 -7.70 -7.91 37.58
CA ASP B 190 -7.22 -8.05 38.96
C ASP B 190 -6.87 -6.68 39.55
N PRO B 191 -7.79 -6.09 40.32
CA PRO B 191 -7.56 -4.75 40.89
C PRO B 191 -6.35 -4.66 41.81
N TYR B 192 -5.89 -5.79 42.33
CA TYR B 192 -4.78 -5.80 43.27
C TYR B 192 -3.43 -5.68 42.61
N HIS B 193 -3.42 -5.60 41.28
CA HIS B 193 -2.18 -5.25 40.59
C HIS B 193 -2.14 -3.76 40.20
N ARG B 194 -3.29 -3.07 40.28
CA ARG B 194 -3.36 -1.68 39.84
C ARG B 194 -4.26 -0.77 40.70
N GLU B 195 -5.58 -0.91 40.56
CA GLU B 195 -6.50 0.04 41.20
C GLU B 195 -6.56 -0.09 42.73
N LYS B 196 -6.09 -1.23 43.24
CA LYS B 196 -5.90 -1.45 44.66
C LYS B 196 -4.47 -1.94 44.89
N TRP B 197 -3.51 -1.34 44.18
CA TRP B 197 -2.11 -1.80 44.24
C TRP B 197 -1.50 -1.82 45.65
N ARG B 198 -1.99 -0.94 46.52
CA ARG B 198 -1.49 -0.85 47.89
C ARG B 198 -1.96 -2.00 48.78
N GLU B 199 -3.19 -2.47 48.54
CA GLU B 199 -3.84 -3.49 49.38
C GLU B 199 -3.31 -4.93 49.17
N PRO B 200 -3.01 -5.65 50.28
CA PRO B 200 -2.78 -7.10 50.18
C PRO B 200 -4.03 -7.85 49.70
N TYR B 201 -3.83 -9.03 49.12
CA TYR B 201 -4.94 -9.88 48.71
C TYR B 201 -5.75 -10.31 49.94
N PRO B 202 -7.09 -10.18 49.88
CA PRO B 202 -7.91 -10.70 50.98
C PRO B 202 -7.85 -12.23 50.99
N GLU B 203 -8.25 -12.85 52.09
CA GLU B 203 -8.25 -14.32 52.20
C GLU B 203 -9.11 -14.94 51.11
N SER B 204 -10.23 -14.28 50.82
CA SER B 204 -11.10 -14.52 49.66
C SER B 204 -10.38 -14.84 48.35
N GLU B 205 -9.18 -14.30 48.17
CA GLU B 205 -8.46 -14.39 46.87
C GLU B 205 -7.22 -15.27 46.93
N MET B 206 -6.90 -15.74 48.13
CA MET B 206 -5.67 -16.47 48.39
C MET B 206 -5.57 -17.78 47.64
N GLN B 207 -6.71 -18.48 47.53
CA GLN B 207 -6.75 -19.82 46.96
C GLN B 207 -6.33 -19.85 45.47
N ARG B 208 -7.01 -19.07 44.64
CA ARG B 208 -6.63 -19.06 43.21
C ARG B 208 -5.28 -18.40 42.95
N MET B 209 -4.94 -17.36 43.71
CA MET B 209 -3.61 -16.75 43.62
C MET B 209 -2.52 -17.76 43.94
N GLN B 210 -2.72 -18.53 45.02
CA GLN B 210 -1.80 -19.60 45.41
C GLN B 210 -1.70 -20.71 44.35
N GLU B 211 -2.83 -21.05 43.73
CA GLU B 211 -2.87 -22.02 42.65
C GLU B 211 -1.97 -21.61 41.49
N LEU B 212 -2.08 -20.34 41.09
CA LEU B 212 -1.22 -19.79 40.05
C LEU B 212 0.25 -19.81 40.45
N ILE B 213 0.51 -19.37 41.68
CA ILE B 213 1.87 -19.29 42.22
C ILE B 213 2.54 -20.67 42.25
N ASN B 214 1.80 -21.66 42.71
CA ASN B 214 2.32 -23.02 42.85
C ASN B 214 2.44 -23.77 41.52
N ALA B 215 1.43 -23.61 40.67
CA ALA B 215 1.46 -24.18 39.32
C ALA B 215 2.68 -23.69 38.55
N SER B 216 2.99 -22.40 38.66
CA SER B 216 4.18 -21.80 38.06
C SER B 216 5.47 -22.49 38.51
N ALA B 217 5.70 -22.50 39.82
CA ALA B 217 6.94 -23.06 40.38
C ALA B 217 7.10 -24.56 40.06
N GLU B 218 5.99 -25.30 40.13
CA GLU B 218 5.98 -26.72 39.75
C GLU B 218 6.31 -26.95 38.28
N ASN B 219 6.21 -25.91 37.47
CA ASN B 219 6.54 -26.01 36.06
C ASN B 219 7.81 -25.24 35.69
N LYS B 220 8.54 -24.84 36.72
CA LYS B 220 9.79 -24.07 36.62
C LYS B 220 9.57 -22.73 35.90
N VAL B 221 8.38 -22.17 36.12
CA VAL B 221 7.97 -20.90 35.56
C VAL B 221 8.03 -19.85 36.67
N ASP B 222 8.82 -18.79 36.45
CA ASP B 222 8.86 -17.63 37.35
C ASP B 222 7.55 -16.87 37.26
N PHE B 223 6.75 -16.97 38.31
CA PHE B 223 5.55 -16.16 38.42
C PHE B 223 5.95 -14.73 38.81
N VAL B 224 5.87 -13.81 37.84
CA VAL B 224 6.25 -12.42 38.07
C VAL B 224 5.00 -11.62 38.37
N PHE B 225 4.93 -11.03 39.56
CA PHE B 225 3.82 -10.15 39.90
C PHE B 225 4.07 -8.71 39.43
N GLY B 226 3.28 -8.28 38.44
CA GLY B 226 3.39 -6.93 37.91
C GLY B 226 2.50 -5.99 38.66
N ILE B 227 3.08 -4.94 39.22
CA ILE B 227 2.32 -3.91 39.91
C ILE B 227 2.37 -2.58 39.14
N SER B 228 1.22 -1.90 39.06
CA SER B 228 1.14 -0.60 38.39
C SER B 228 0.63 0.47 39.36
N PRO B 229 1.56 1.10 40.09
CA PRO B 229 1.21 2.11 41.09
C PRO B 229 0.82 3.47 40.49
N GLY B 230 1.07 3.62 39.19
CA GLY B 230 0.82 4.86 38.43
C GLY B 230 -0.48 5.61 38.60
N ILE B 231 -1.60 4.92 38.81
CA ILE B 231 -2.91 5.57 38.89
C ILE B 231 -2.91 6.72 39.88
N ASP B 232 -2.23 6.53 41.02
CA ASP B 232 -2.35 7.44 42.15
C ASP B 232 -1.16 7.50 43.11
N ILE B 233 -0.12 6.73 42.84
CA ILE B 233 1.09 6.82 43.68
C ILE B 233 1.54 8.27 43.86
N ARG B 234 1.87 8.61 45.11
CA ARG B 234 2.44 9.91 45.45
C ARG B 234 3.93 9.74 45.71
N PHE B 235 4.73 10.72 45.30
CA PHE B 235 6.20 10.61 45.37
C PHE B 235 6.86 11.49 46.45
N ASP B 236 6.18 12.56 46.84
CA ASP B 236 6.81 13.61 47.63
C ASP B 236 6.41 13.58 49.10
N GLY B 237 7.38 13.87 49.96
CA GLY B 237 7.15 14.08 51.39
C GLY B 237 6.65 12.88 52.15
N ASP B 238 5.85 13.15 53.18
CA ASP B 238 5.27 12.10 54.01
C ASP B 238 4.38 11.17 53.18
N ALA B 239 3.61 11.75 52.24
CA ALA B 239 2.81 11.00 51.25
C ALA B 239 3.63 10.01 50.42
N GLY B 240 4.75 10.45 49.88
CA GLY B 240 5.67 9.59 49.15
C GLY B 240 6.29 8.48 49.97
N GLU B 241 6.60 8.78 51.24
CA GLU B 241 7.13 7.81 52.18
C GLU B 241 6.09 6.74 52.53
N GLU B 242 4.90 7.19 52.91
CA GLU B 242 3.76 6.33 53.17
C GLU B 242 3.50 5.36 51.99
N ASP B 243 3.45 5.91 50.77
CA ASP B 243 3.21 5.10 49.55
C ASP B 243 4.34 4.13 49.23
N PHE B 244 5.59 4.55 49.47
CA PHE B 244 6.69 3.59 49.31
C PHE B 244 6.61 2.44 50.31
N ASN B 245 6.15 2.73 51.52
CA ASN B 245 6.02 1.68 52.54
C ASN B 245 4.84 0.77 52.24
N HIS B 246 3.82 1.34 51.59
CA HIS B 246 2.69 0.58 51.06
C HIS B 246 3.19 -0.43 50.03
N LEU B 247 4.11 0.01 49.16
CA LEU B 247 4.74 -0.87 48.18
C LEU B 247 5.50 -2.04 48.82
N ILE B 248 6.30 -1.72 49.85
CA ILE B 248 7.01 -2.74 50.64
C ILE B 248 6.03 -3.73 51.30
N THR B 249 5.02 -3.19 51.97
CA THR B 249 3.97 -3.96 52.63
C THR B 249 3.29 -4.96 51.66
N LYS B 250 2.80 -4.46 50.53
CA LYS B 250 2.21 -5.28 49.47
C LYS B 250 3.16 -6.38 48.98
N ALA B 251 4.43 -6.03 48.79
CA ALA B 251 5.43 -7.00 48.33
C ALA B 251 5.70 -8.10 49.35
N GLU B 252 5.69 -7.74 50.64
CA GLU B 252 5.81 -8.72 51.73
C GLU B 252 4.64 -9.70 51.71
N SER B 253 3.42 -9.16 51.66
CA SER B 253 2.21 -9.99 51.63
C SER B 253 2.28 -11.02 50.50
N LEU B 254 2.85 -10.59 49.36
CA LEU B 254 3.06 -11.44 48.20
C LEU B 254 4.22 -12.42 48.38
N TYR B 255 5.32 -11.94 48.97
CA TYR B 255 6.44 -12.79 49.35
C TYR B 255 5.99 -13.93 50.28
N ASP B 256 5.07 -13.60 51.17
CA ASP B 256 4.52 -14.56 52.13
C ASP B 256 3.74 -15.65 51.42
N MET B 257 3.30 -15.35 50.20
CA MET B 257 2.53 -16.26 49.37
C MET B 257 3.44 -17.02 48.43
N GLY B 258 4.74 -16.77 48.53
CA GLY B 258 5.73 -17.47 47.71
C GLY B 258 6.12 -16.77 46.42
N VAL B 259 5.65 -15.53 46.24
CA VAL B 259 6.06 -14.72 45.09
C VAL B 259 7.54 -14.31 45.26
N ARG B 260 8.33 -14.51 44.20
CA ARG B 260 9.78 -14.27 44.23
C ARG B 260 10.28 -13.43 43.04
N SER B 261 9.35 -12.97 42.19
CA SER B 261 9.66 -12.12 41.04
C SER B 261 8.65 -10.99 40.98
N PHE B 262 9.15 -9.78 40.75
CA PHE B 262 8.35 -8.55 40.77
C PHE B 262 8.59 -7.64 39.58
N ALA B 263 7.52 -7.02 39.06
CA ALA B 263 7.65 -5.97 38.04
C ALA B 263 6.95 -4.71 38.51
N ILE B 264 7.59 -3.56 38.30
CA ILE B 264 6.94 -2.29 38.60
C ILE B 264 6.80 -1.49 37.31
N TYR B 265 5.54 -1.21 36.95
CA TYR B 265 5.22 -0.56 35.68
C TYR B 265 5.12 0.94 35.84
N TRP B 266 5.74 1.69 34.92
CA TRP B 266 5.60 3.14 34.89
C TRP B 266 4.92 3.64 33.62
N ASP B 267 4.33 2.72 32.87
CA ASP B 267 3.80 3.01 31.54
C ASP B 267 2.58 3.94 31.50
N ASP B 268 1.73 3.85 32.51
CA ASP B 268 0.40 4.45 32.45
C ASP B 268 0.31 5.66 33.36
N ILE B 269 1.40 5.96 34.06
CA ILE B 269 1.43 7.11 34.97
C ILE B 269 1.41 8.42 34.20
N GLN B 270 0.68 9.40 34.73
CA GLN B 270 0.58 10.70 34.10
C GLN B 270 1.55 11.70 34.73
N ASP B 271 2.81 11.30 34.86
CA ASP B 271 3.92 12.22 34.85
C ASP B 271 4.94 11.77 33.83
N LYS B 272 6.11 12.38 33.89
CA LYS B 272 7.28 11.84 33.32
C LYS B 272 8.41 12.10 34.26
N SER B 273 8.17 11.81 35.51
CA SER B 273 9.11 12.05 36.58
C SER B 273 10.15 10.95 36.68
N ALA B 274 11.03 10.85 35.68
CA ALA B 274 12.06 9.81 35.56
C ALA B 274 12.81 9.52 36.85
N ALA B 275 13.34 10.57 37.48
CA ALA B 275 14.16 10.38 38.67
C ALA B 275 13.32 9.85 39.83
N LYS B 276 12.06 10.26 39.90
CA LYS B 276 11.16 9.79 40.94
C LYS B 276 10.78 8.32 40.72
N HIS B 277 10.52 7.93 39.46
CA HIS B 277 10.32 6.52 39.12
C HIS B 277 11.56 5.71 39.51
N ALA B 278 12.72 6.13 39.02
CA ALA B 278 13.95 5.38 39.23
C ALA B 278 14.33 5.26 40.71
N GLN B 279 14.03 6.30 41.50
CA GLN B 279 14.26 6.32 42.94
C GLN B 279 13.39 5.31 43.69
N VAL B 280 12.11 5.23 43.36
CA VAL B 280 11.24 4.21 43.94
C VAL B 280 11.77 2.80 43.64
N LEU B 281 12.19 2.56 42.40
CA LEU B 281 12.79 1.29 42.00
C LEU B 281 14.07 0.94 42.77
N ASN B 282 15.00 1.89 42.81
CA ASN B 282 16.29 1.73 43.49
C ASN B 282 16.14 1.39 44.97
N ARG B 283 15.21 2.08 45.64
CA ARG B 283 14.96 1.87 47.06
C ARG B 283 14.24 0.55 47.31
N PHE B 284 13.30 0.19 46.43
CA PHE B 284 12.62 -1.12 46.48
C PHE B 284 13.64 -2.24 46.28
N ASN B 285 14.54 -2.01 45.33
CA ASN B 285 15.59 -2.97 45.01
C ASN B 285 16.52 -3.22 46.21
N GLU B 286 16.78 -2.17 46.98
CA GLU B 286 17.61 -2.24 48.18
C GLU B 286 16.89 -2.82 49.39
N GLU B 287 15.74 -2.25 49.75
CA GLU B 287 15.04 -2.62 50.98
C GLU B 287 14.23 -3.91 50.88
N PHE B 288 14.02 -4.40 49.66
CA PHE B 288 13.25 -5.62 49.47
C PHE B 288 13.99 -6.72 48.70
N VAL B 289 14.25 -6.52 47.41
CA VAL B 289 14.86 -7.62 46.65
C VAL B 289 16.22 -8.04 47.21
N LYS B 290 17.13 -7.08 47.39
CA LYS B 290 18.45 -7.34 47.97
C LYS B 290 18.34 -7.90 49.39
N ALA B 291 17.45 -7.31 50.19
CA ALA B 291 17.24 -7.70 51.58
C ALA B 291 16.71 -9.13 51.75
N LYS B 292 15.97 -9.62 50.75
CA LYS B 292 15.46 -11.00 50.79
C LYS B 292 16.48 -12.04 50.30
N GLY B 293 17.41 -11.63 49.43
CA GLY B 293 18.43 -12.52 48.86
C GLY B 293 17.86 -13.55 47.91
N ASP B 294 16.55 -13.74 48.06
CA ASP B 294 15.76 -14.82 47.50
C ASP B 294 14.95 -14.40 46.25
N VAL B 295 14.90 -13.09 46.01
CA VAL B 295 14.07 -12.51 44.97
C VAL B 295 14.86 -12.29 43.68
N LYS B 296 14.23 -12.63 42.54
CA LYS B 296 14.85 -12.46 41.22
C LYS B 296 15.02 -10.97 40.94
N PRO B 297 15.88 -10.59 39.97
CA PRO B 297 16.02 -9.17 39.64
C PRO B 297 14.70 -8.45 39.39
N LEU B 298 14.65 -7.18 39.81
CA LEU B 298 13.47 -6.35 39.66
C LEU B 298 13.28 -5.98 38.20
N ILE B 299 12.04 -5.99 37.74
CA ILE B 299 11.75 -5.67 36.34
C ILE B 299 10.95 -4.37 36.29
N THR B 300 11.23 -3.53 35.30
CA THR B 300 10.45 -2.31 35.12
C THR B 300 10.08 -2.04 33.65
N VAL B 301 8.92 -1.40 33.48
CA VAL B 301 8.53 -0.84 32.21
C VAL B 301 8.60 0.68 32.40
N PRO B 302 9.54 1.36 31.71
CA PRO B 302 9.61 2.83 31.84
C PRO B 302 8.45 3.52 31.13
N THR B 303 8.24 4.81 31.42
CA THR B 303 7.13 5.55 30.81
C THR B 303 7.30 5.63 29.29
N GLU B 304 8.56 5.78 28.84
CA GLU B 304 8.91 5.68 27.42
C GLU B 304 9.48 4.28 27.19
N TYR B 305 8.74 3.44 26.46
CA TYR B 305 9.07 2.02 26.36
C TYR B 305 9.17 1.47 24.93
N ASP B 306 9.07 2.33 23.92
CA ASP B 306 9.42 1.98 22.55
C ASP B 306 10.37 3.06 22.03
N THR B 307 11.17 2.72 21.03
CA THR B 307 12.21 3.66 20.55
C THR B 307 11.68 5.02 20.07
N GLY B 308 10.56 5.02 19.37
CA GLY B 308 9.92 6.26 18.95
C GLY B 308 9.67 7.20 20.12
N ALA B 309 9.14 6.65 21.22
CA ALA B 309 8.94 7.41 22.44
C ALA B 309 10.25 7.71 23.18
N MET B 310 11.26 6.86 22.97
CA MET B 310 12.43 6.84 23.84
C MET B 310 13.47 7.84 23.39
N VAL B 311 13.60 8.00 22.07
CA VAL B 311 14.74 8.70 21.49
C VAL B 311 14.30 9.65 20.38
N SER B 312 15.05 10.69 20.18
CA SER B 312 14.76 11.63 19.17
C SER B 312 16.08 12.05 18.62
N ASN B 313 16.22 11.86 17.33
CA ASN B 313 17.39 12.20 16.58
C ASN B 313 18.66 11.56 17.01
N GLY B 314 18.57 10.30 17.36
CA GLY B 314 19.67 9.46 17.75
C GLY B 314 20.02 9.48 19.20
N GLN B 315 19.50 10.44 19.89
CA GLN B 315 19.74 10.62 21.32
C GLN B 315 18.49 10.32 22.13
N PRO B 316 18.69 9.77 23.32
CA PRO B 316 17.63 9.67 24.31
C PRO B 316 16.89 10.94 24.60
N ARG B 317 15.58 10.88 24.68
CA ARG B 317 14.77 11.96 25.20
C ARG B 317 15.04 12.18 26.68
N ALA B 318 14.62 13.33 27.21
CA ALA B 318 14.90 13.70 28.61
C ALA B 318 14.47 12.66 29.63
N TYR B 319 13.27 12.08 29.46
CA TYR B 319 12.82 11.06 30.41
C TYR B 319 13.76 9.85 30.37
N THR B 320 13.97 9.30 29.17
CA THR B 320 14.83 8.10 28.99
C THR B 320 16.28 8.35 29.43
N ARG B 321 16.80 9.56 29.15
CA ARG B 321 18.16 9.92 29.57
C ARG B 321 18.29 9.89 31.10
N ILE B 322 17.40 10.59 31.79
CA ILE B 322 17.40 10.64 33.26
C ILE B 322 17.12 9.27 33.89
N PHE B 323 16.13 8.57 33.36
CA PHE B 323 15.76 7.23 33.85
C PHE B 323 16.94 6.27 33.79
N ALA B 324 17.56 6.18 32.61
CA ALA B 324 18.73 5.32 32.39
C ALA B 324 19.93 5.66 33.29
N GLU B 325 20.18 6.96 33.49
CA GLU B 325 21.23 7.45 34.37
C GLU B 325 20.99 7.07 35.83
N THR B 326 19.72 7.06 36.25
CA THR B 326 19.34 6.85 37.65
C THR B 326 19.09 5.37 38.06
N VAL B 327 18.38 4.59 37.24
CA VAL B 327 18.09 3.18 37.60
C VAL B 327 19.32 2.31 37.82
N ASP B 328 19.32 1.60 38.95
CA ASP B 328 20.37 0.62 39.23
C ASP B 328 20.56 -0.36 38.08
N PRO B 329 21.82 -0.70 37.76
CA PRO B 329 22.17 -1.65 36.70
C PRO B 329 21.64 -3.08 36.90
N SER B 330 21.16 -3.39 38.10
CA SER B 330 20.67 -4.74 38.41
C SER B 330 19.18 -4.91 38.10
N ILE B 331 18.58 -3.83 37.61
CA ILE B 331 17.15 -3.79 37.31
C ILE B 331 16.93 -4.10 35.84
N GLU B 332 16.04 -5.05 35.57
CA GLU B 332 15.63 -5.41 34.22
C GLU B 332 14.70 -4.34 33.65
N VAL B 333 15.02 -3.83 32.47
CA VAL B 333 14.25 -2.74 31.85
C VAL B 333 13.63 -3.22 30.52
N MET B 334 12.30 -3.09 30.40
CA MET B 334 11.60 -3.56 29.21
CA MET B 334 11.57 -3.56 29.21
C MET B 334 11.35 -2.48 28.16
N TRP B 335 11.46 -2.86 26.89
CA TRP B 335 11.01 -2.02 25.78
C TRP B 335 10.44 -2.92 24.68
N THR B 336 9.66 -2.33 23.77
CA THR B 336 8.83 -3.11 22.84
C THR B 336 9.42 -3.17 21.43
N GLY B 337 10.56 -2.52 21.23
CA GLY B 337 11.17 -2.41 19.90
C GLY B 337 11.08 -0.97 19.42
N PRO B 338 11.25 -0.75 18.11
CA PRO B 338 11.17 0.55 17.45
C PRO B 338 9.83 1.23 17.57
N GLY B 339 8.78 0.44 17.84
CA GLY B 339 7.43 0.97 18.01
C GLY B 339 6.65 0.09 18.95
N VAL B 340 5.44 0.52 19.33
CA VAL B 340 4.66 -0.33 20.24
C VAL B 340 4.33 -1.68 19.59
N VAL B 341 3.79 -1.61 18.37
CA VAL B 341 3.51 -2.79 17.53
C VAL B 341 4.13 -2.49 16.19
N THR B 342 5.15 -3.26 15.85
CA THR B 342 6.07 -2.88 14.78
C THR B 342 6.55 -4.13 14.03
N ASN B 343 6.94 -3.95 12.77
CA ASN B 343 7.39 -5.05 11.93
C ASN B 343 8.54 -5.86 12.52
N GLU B 344 9.57 -5.16 13.01
CA GLU B 344 10.84 -5.79 13.36
C GLU B 344 11.49 -5.23 14.62
N ILE B 345 12.33 -6.04 15.26
CA ILE B 345 13.43 -5.48 16.05
C ILE B 345 14.75 -5.83 15.35
N PRO B 346 15.29 -4.89 14.55
CA PRO B 346 16.60 -5.07 13.93
C PRO B 346 17.70 -4.94 14.98
N LEU B 347 18.89 -5.45 14.68
CA LEU B 347 19.99 -5.47 15.64
C LEU B 347 20.34 -4.06 16.12
N SER B 348 20.35 -3.11 15.20
CA SER B 348 20.65 -1.71 15.48
C SER B 348 19.71 -1.06 16.50
N ASP B 349 18.44 -1.48 16.52
CA ASP B 349 17.50 -0.92 17.51
C ASP B 349 17.86 -1.37 18.93
N ALA B 350 18.07 -2.67 19.10
CA ALA B 350 18.52 -3.23 20.36
C ALA B 350 19.89 -2.68 20.77
N GLN B 351 20.78 -2.51 19.81
CA GLN B 351 22.08 -1.86 20.03
C GLN B 351 21.94 -0.45 20.60
N LEU B 352 21.07 0.37 19.98
CA LEU B 352 20.78 1.72 20.44
C LEU B 352 20.29 1.78 21.88
N ILE B 353 19.22 1.08 22.18
CA ILE B 353 18.62 1.07 23.49
C ILE B 353 19.51 0.51 24.59
N SER B 354 20.19 -0.58 24.28
CA SER B 354 21.10 -1.23 25.18
C SER B 354 22.24 -0.26 25.54
N GLY B 355 22.73 0.50 24.60
CA GLY B 355 23.79 1.45 24.86
C GLY B 355 23.44 2.57 25.83
N ILE B 356 22.23 3.01 25.68
CA ILE B 356 21.51 4.08 26.36
C ILE B 356 21.32 3.62 27.81
N TYR B 357 20.88 2.38 27.99
CA TYR B 357 20.69 1.79 29.31
C TYR B 357 21.93 1.07 29.86
N ASN B 358 22.96 0.92 29.02
CA ASN B 358 24.23 0.29 29.39
C ASN B 358 24.06 -1.08 30.05
N ARG B 359 23.22 -1.91 29.43
CA ARG B 359 22.82 -3.20 29.99
C ARG B 359 22.07 -4.01 28.94
N ASN B 360 21.95 -5.31 29.22
CA ASN B 360 21.13 -6.20 28.42
C ASN B 360 19.68 -5.87 28.67
N MET B 361 18.95 -5.63 27.57
CA MET B 361 17.56 -5.21 27.67
C MET B 361 16.60 -6.39 27.78
N ALA B 362 15.36 -6.09 28.18
CA ALA B 362 14.26 -7.04 28.14
C ALA B 362 13.25 -6.61 27.06
N VAL B 363 12.76 -7.57 26.27
CA VAL B 363 11.71 -7.22 25.32
C VAL B 363 10.31 -7.65 25.70
N TRP B 364 9.41 -6.70 25.46
CA TRP B 364 7.99 -6.90 25.50
C TRP B 364 7.54 -6.89 24.02
N TRP B 365 7.38 -8.06 23.43
CA TRP B 365 7.04 -8.15 22.03
C TRP B 365 5.53 -8.26 21.85
N ASN B 366 4.95 -7.25 21.21
CA ASN B 366 3.51 -7.17 21.02
C ASN B 366 2.96 -7.97 19.84
N TYR B 367 3.12 -9.29 19.92
CA TYR B 367 2.54 -10.24 18.98
C TYR B 367 2.59 -11.57 19.72
N PRO B 368 1.51 -12.38 19.67
CA PRO B 368 0.30 -12.28 18.84
C PRO B 368 -0.84 -11.42 19.35
N VAL B 369 -0.64 -10.61 20.38
CA VAL B 369 -1.71 -9.71 20.86
C VAL B 369 -2.49 -9.08 19.69
N THR B 370 -3.81 -9.09 19.80
CA THR B 370 -4.66 -8.55 18.75
C THR B 370 -5.63 -7.55 19.35
N ASP B 371 -5.32 -7.00 20.52
CA ASP B 371 -6.28 -6.15 21.20
C ASP B 371 -6.58 -4.85 20.45
N TYR B 372 -5.74 -4.51 19.49
CA TYR B 372 -5.86 -3.28 18.69
C TYR B 372 -6.54 -3.51 17.33
N PHE B 373 -6.83 -4.77 17.02
CA PHE B 373 -7.50 -5.16 15.78
C PHE B 373 -8.12 -6.52 16.05
N LYS B 374 -9.14 -6.54 16.92
CA LYS B 374 -9.67 -7.79 17.49
C LYS B 374 -10.38 -8.75 16.52
N GLY B 375 -10.79 -8.23 15.35
CA GLY B 375 -11.46 -9.06 14.34
C GLY B 375 -10.57 -10.15 13.79
N LYS B 376 -9.26 -9.87 13.73
CA LYS B 376 -8.30 -10.81 13.17
C LYS B 376 -7.54 -11.61 14.23
N LEU B 377 -7.33 -12.90 13.96
CA LEU B 377 -6.48 -13.76 14.78
C LEU B 377 -5.02 -13.72 14.29
N ALA B 378 -4.08 -13.56 15.21
CA ALA B 378 -2.66 -13.50 14.83
C ALA B 378 -2.06 -14.87 15.02
N LEU B 379 -1.97 -15.64 13.93
CA LEU B 379 -1.64 -17.07 14.01
C LEU B 379 -0.31 -17.40 13.35
N GLY B 380 0.53 -16.39 13.28
CA GLY B 380 1.84 -16.53 12.66
C GLY B 380 2.95 -16.76 13.67
N PRO B 381 4.18 -16.98 13.15
CA PRO B 381 5.35 -17.16 13.99
C PRO B 381 5.97 -15.84 14.43
N MET B 382 6.88 -15.90 15.40
CA MET B 382 7.83 -14.81 15.61
C MET B 382 8.43 -14.41 14.26
N HIS B 383 8.39 -13.12 13.95
CA HIS B 383 8.79 -12.66 12.63
C HIS B 383 9.32 -11.24 12.73
N GLY B 384 10.48 -11.00 12.09
CA GLY B 384 11.09 -9.67 12.09
C GLY B 384 12.04 -9.44 13.25
N LEU B 385 12.14 -10.43 14.14
CA LEU B 385 13.02 -10.35 15.30
C LEU B 385 14.42 -10.86 14.94
N ASP B 386 15.43 -9.98 15.03
CA ASP B 386 16.80 -10.32 14.63
C ASP B 386 17.29 -11.58 15.36
N LYS B 387 17.95 -12.47 14.62
CA LYS B 387 18.46 -13.70 15.22
C LYS B 387 19.74 -13.52 16.04
N GLY B 388 20.28 -12.29 16.05
CA GLY B 388 21.41 -11.95 16.92
C GLY B 388 21.05 -11.00 18.05
N LEU B 389 19.77 -11.02 18.45
CA LEU B 389 19.23 -10.11 19.46
C LEU B 389 19.77 -10.38 20.86
N ASN B 390 20.14 -11.62 21.12
CA ASN B 390 20.60 -12.04 22.44
C ASN B 390 21.91 -11.36 22.89
N GLN B 391 22.62 -10.77 21.93
CA GLN B 391 23.76 -9.90 22.22
C GLN B 391 23.37 -8.75 23.14
N TYR B 392 22.14 -8.27 23.00
CA TYR B 392 21.72 -7.03 23.66
C TYR B 392 20.52 -7.24 24.55
N VAL B 393 20.01 -8.47 24.54
CA VAL B 393 18.75 -8.83 25.19
C VAL B 393 18.95 -10.18 25.90
N ASP B 394 18.64 -10.24 27.18
CA ASP B 394 18.68 -11.51 27.90
C ASP B 394 17.36 -11.85 28.62
N PHE B 395 16.27 -11.23 28.16
CA PHE B 395 14.94 -11.39 28.76
C PHE B 395 13.93 -11.10 27.64
N PHE B 396 13.05 -12.05 27.34
CA PHE B 396 12.19 -11.96 26.15
C PHE B 396 10.78 -12.47 26.41
N THR B 397 9.81 -11.56 26.33
CA THR B 397 8.41 -11.90 26.53
C THR B 397 7.58 -11.55 25.29
N VAL B 398 6.48 -12.28 25.09
CA VAL B 398 5.50 -11.92 24.05
C VAL B 398 4.20 -11.66 24.77
N ASN B 399 3.48 -10.65 24.29
CA ASN B 399 2.13 -10.30 24.72
C ASN B 399 1.21 -11.09 23.79
N PRO B 400 0.35 -11.96 24.36
CA PRO B 400 -0.49 -12.86 23.57
C PRO B 400 -1.91 -12.35 23.39
N MET B 401 -2.77 -13.12 22.73
CA MET B 401 -4.16 -12.73 22.50
C MET B 401 -5.01 -13.09 23.71
N GLU B 402 -6.19 -12.48 23.80
CA GLU B 402 -7.22 -12.85 24.76
C GLU B 402 -7.69 -14.27 24.47
N HIS B 403 -7.34 -14.74 23.28
CA HIS B 403 -7.62 -16.12 22.84
C HIS B 403 -6.42 -16.99 23.22
N ALA B 404 -6.54 -17.63 24.38
CA ALA B 404 -5.44 -18.39 24.98
C ALA B 404 -5.03 -19.62 24.19
N GLU B 405 -6.00 -20.35 23.68
CA GLU B 405 -5.71 -21.60 22.96
C GLU B 405 -4.94 -21.31 21.69
N LEU B 406 -5.45 -20.39 20.88
CA LEU B 406 -4.84 -20.09 19.59
C LEU B 406 -3.55 -19.29 19.70
N SER B 407 -3.32 -18.65 20.84
CA SER B 407 -2.03 -17.97 21.11
C SER B 407 -0.85 -18.95 21.11
N LYS B 408 -1.13 -20.22 21.44
CA LYS B 408 -0.11 -21.27 21.56
C LYS B 408 0.70 -21.50 20.29
N ILE B 409 0.10 -21.25 19.13
CA ILE B 409 0.82 -21.38 17.85
C ILE B 409 2.01 -20.42 17.81
N SER B 410 1.72 -19.14 18.07
CA SER B 410 2.77 -18.14 18.04
C SER B 410 3.73 -18.30 19.20
N ILE B 411 3.19 -18.45 20.40
CA ILE B 411 3.95 -18.69 21.62
C ILE B 411 4.94 -19.86 21.44
N HIS B 412 4.48 -20.93 20.79
CA HIS B 412 5.28 -22.13 20.49
C HIS B 412 6.56 -21.77 19.74
N THR B 413 6.42 -20.92 18.72
CA THR B 413 7.57 -20.43 17.97
C THR B 413 8.46 -19.49 18.79
N ALA B 414 7.89 -18.76 19.74
CA ALA B 414 8.69 -17.88 20.61
C ALA B 414 9.58 -18.70 21.54
N ALA B 415 9.05 -19.83 22.01
CA ALA B 415 9.79 -20.78 22.83
C ALA B 415 11.03 -21.25 22.09
N ASP B 416 10.88 -21.56 20.81
CA ASP B 416 12.00 -21.94 19.95
C ASP B 416 12.94 -20.79 19.69
N TYR B 417 12.39 -19.63 19.31
CA TYR B 417 13.21 -18.45 19.00
C TYR B 417 14.12 -18.02 20.15
N SER B 418 13.61 -18.10 21.37
CA SER B 418 14.34 -17.64 22.53
C SER B 418 15.25 -18.71 23.15
N TRP B 419 14.98 -19.99 22.86
CA TRP B 419 15.82 -21.09 23.35
C TRP B 419 16.94 -21.44 22.35
N ASN B 420 16.63 -21.51 21.07
CA ASN B 420 17.64 -21.75 20.05
C ASN B 420 17.60 -20.64 18.99
N MET B 421 18.06 -19.46 19.36
CA MET B 421 17.94 -18.29 18.49
C MET B 421 18.67 -18.46 17.17
N ASP B 422 19.87 -19.02 17.22
CA ASP B 422 20.77 -19.08 16.06
C ASP B 422 20.16 -19.85 14.89
N ASN B 423 19.37 -20.87 15.21
CA ASN B 423 18.82 -21.78 14.23
C ASN B 423 17.32 -21.58 14.01
N TYR B 424 16.79 -20.48 14.53
CA TYR B 424 15.38 -20.15 14.34
C TYR B 424 15.05 -19.88 12.88
N ASP B 425 14.07 -20.64 12.38
CA ASP B 425 13.59 -20.54 11.01
C ASP B 425 12.09 -20.38 11.09
N TYR B 426 11.61 -19.19 10.79
CA TYR B 426 10.21 -18.87 11.10
C TYR B 426 9.18 -19.82 10.45
N ASP B 427 9.41 -20.18 9.18
CA ASP B 427 8.50 -21.09 8.47
C ASP B 427 8.48 -22.50 9.06
N LYS B 428 9.67 -23.06 9.31
CA LYS B 428 9.79 -24.37 9.94
C LYS B 428 9.20 -24.40 11.34
N ALA B 429 9.51 -23.38 12.14
CA ALA B 429 8.95 -23.24 13.49
C ALA B 429 7.42 -23.14 13.45
N TRP B 430 6.92 -22.39 12.47
CA TRP B 430 5.48 -22.24 12.25
C TRP B 430 4.82 -23.55 11.87
N ASN B 431 5.44 -24.31 10.98
CA ASN B 431 4.95 -25.65 10.61
C ASN B 431 5.02 -26.61 11.79
N ARG B 432 6.12 -26.56 12.54
CA ARG B 432 6.31 -27.41 13.72
C ARG B 432 5.27 -27.14 14.78
N ALA B 433 4.98 -25.86 15.03
CA ALA B 433 3.95 -25.49 16.01
C ALA B 433 2.60 -26.14 15.73
N ILE B 434 2.14 -26.01 14.48
CA ILE B 434 0.81 -26.48 14.08
C ILE B 434 0.76 -28.03 13.99
N ASP B 435 1.83 -28.63 13.48
CA ASP B 435 2.01 -30.09 13.55
C ASP B 435 1.87 -30.65 14.96
N MET B 436 2.60 -30.05 15.90
CA MET B 436 2.66 -30.55 17.28
C MET B 436 1.41 -30.21 18.09
N LEU B 437 0.73 -29.13 17.71
CA LEU B 437 -0.49 -28.72 18.39
C LEU B 437 -1.78 -29.35 17.82
N TYR B 438 -1.80 -29.65 16.52
CA TYR B 438 -3.06 -30.03 15.85
C TYR B 438 -3.15 -31.45 15.27
N GLY B 439 -2.01 -32.14 15.20
CA GLY B 439 -1.98 -33.57 14.87
C GLY B 439 -2.42 -33.86 13.45
N ASP B 440 -3.53 -34.59 13.31
CA ASP B 440 -4.02 -34.95 11.97
C ASP B 440 -4.90 -33.84 11.37
N LEU B 441 -5.15 -32.80 12.16
CA LEU B 441 -5.82 -31.59 11.67
C LEU B 441 -4.83 -30.51 11.27
N ALA B 442 -3.54 -30.78 11.48
CA ALA B 442 -2.45 -29.83 11.21
C ALA B 442 -2.41 -29.27 9.78
N GLU B 443 -2.64 -30.15 8.80
CA GLU B 443 -2.55 -29.80 7.37
C GLU B 443 -3.65 -28.79 7.00
N ASP B 444 -4.87 -29.07 7.45
CA ASP B 444 -5.99 -28.18 7.30
C ASP B 444 -5.81 -26.87 8.08
N MET B 445 -5.32 -26.97 9.32
CA MET B 445 -5.11 -25.77 10.13
C MET B 445 -4.10 -24.81 9.48
N LYS B 446 -3.05 -25.36 8.87
CA LYS B 446 -2.07 -24.54 8.15
C LYS B 446 -2.68 -23.73 7.02
N VAL B 447 -3.64 -24.31 6.31
CA VAL B 447 -4.30 -23.66 5.19
C VAL B 447 -5.01 -22.39 5.66
N PHE B 448 -5.69 -22.51 6.80
CA PHE B 448 -6.46 -21.43 7.42
C PHE B 448 -5.53 -20.42 8.07
N ALA B 449 -4.62 -20.91 8.91
CA ALA B 449 -3.71 -20.08 9.67
C ALA B 449 -2.83 -19.27 8.76
N ASN B 450 -2.42 -19.87 7.63
CA ASN B 450 -1.59 -19.21 6.61
C ASN B 450 -2.17 -17.88 6.09
N HIS B 451 -3.49 -17.72 6.23
CA HIS B 451 -4.19 -16.52 5.80
C HIS B 451 -4.35 -15.53 6.94
N SER B 452 -3.80 -15.85 8.10
CA SER B 452 -4.05 -15.05 9.28
C SER B 452 -2.81 -14.79 10.10
N THR B 453 -1.76 -14.34 9.45
CA THR B 453 -0.48 -14.06 10.11
C THR B 453 -0.20 -12.54 10.24
N ARG B 454 -0.62 -11.75 9.24
CA ARG B 454 -0.37 -10.31 9.18
C ARG B 454 -1.39 -9.47 9.98
N MET B 455 -0.87 -8.65 10.88
CA MET B 455 -1.66 -7.74 11.72
C MET B 455 -1.39 -6.32 11.27
N ASP B 456 -2.45 -5.52 11.11
CA ASP B 456 -2.29 -4.15 10.61
C ASP B 456 -3.64 -3.41 10.77
N ASN B 457 -3.68 -2.45 11.71
CA ASN B 457 -4.88 -1.64 11.99
C ASN B 457 -5.02 -0.44 11.03
N LYS B 458 -4.14 -0.33 10.07
CA LYS B 458 -4.07 0.70 9.05
C LYS B 458 -3.54 2.05 9.52
N THR B 459 -3.14 2.14 10.75
CA THR B 459 -2.54 3.33 11.34
C THR B 459 -1.19 3.00 12.02
N TRP B 460 -1.13 3.19 13.33
CA TRP B 460 0.03 2.97 14.15
C TRP B 460 0.58 1.54 14.40
N ALA B 461 -0.24 0.53 14.21
CA ALA B 461 0.09 -0.85 14.64
C ALA B 461 0.11 -1.85 13.48
N LYS B 462 1.28 -2.43 13.22
CA LYS B 462 1.43 -3.49 12.23
C LYS B 462 2.59 -4.41 12.55
N SER B 463 2.40 -5.71 12.36
CA SER B 463 3.42 -6.71 12.62
C SER B 463 3.00 -8.06 12.06
N GLY B 464 3.99 -8.87 11.69
CA GLY B 464 3.74 -10.24 11.26
C GLY B 464 4.13 -10.57 9.85
N ARG B 465 4.40 -11.85 9.62
CA ARG B 465 4.63 -12.37 8.29
C ARG B 465 3.40 -12.04 7.45
N GLU B 466 3.60 -11.67 6.18
CA GLU B 466 2.50 -11.41 5.24
C GLU B 466 1.55 -12.60 5.20
N ASP B 467 0.28 -12.34 4.90
CA ASP B 467 -0.69 -13.43 4.67
C ASP B 467 -0.35 -14.21 3.40
N ALA B 468 -0.38 -15.52 3.50
CA ALA B 468 -0.40 -16.38 2.32
C ALA B 468 0.42 -15.78 1.19
N PRO B 469 1.73 -15.67 1.40
CA PRO B 469 2.63 -15.02 0.42
C PRO B 469 2.69 -15.69 -0.96
N GLU B 470 2.71 -17.02 -0.98
CA GLU B 470 2.82 -17.78 -2.23
C GLU B 470 1.55 -17.64 -3.07
N LEU B 471 0.39 -17.61 -2.40
CA LEU B 471 -0.88 -17.38 -3.08
C LEU B 471 -0.94 -15.97 -3.65
N ARG B 472 -0.46 -14.98 -2.90
CA ARG B 472 -0.40 -13.58 -3.35
C ARG B 472 0.45 -13.43 -4.62
N ALA B 473 1.59 -14.08 -4.64
CA ALA B 473 2.49 -14.07 -5.80
C ALA B 473 1.80 -14.67 -7.04
N LYS B 474 1.04 -15.74 -6.83
CA LYS B 474 0.26 -16.39 -7.89
C LYS B 474 -0.84 -15.49 -8.45
N MET B 475 -1.61 -14.85 -7.57
CA MET B 475 -2.62 -13.86 -7.97
C MET B 475 -1.99 -12.72 -8.79
N ASP B 476 -0.84 -12.22 -8.34
CA ASP B 476 -0.11 -11.17 -9.07
C ASP B 476 0.31 -11.63 -10.48
N GLU B 477 0.72 -12.88 -10.59
CA GLU B 477 1.15 -13.42 -11.88
C GLU B 477 -0.05 -13.64 -12.79
N LEU B 478 -1.19 -13.98 -12.19
CA LEU B 478 -2.42 -14.04 -12.95
C LEU B 478 -2.74 -12.68 -13.61
N TRP B 479 -2.70 -11.60 -12.84
CA TRP B 479 -2.94 -10.26 -13.43
C TRP B 479 -1.86 -9.91 -14.45
N ASN B 480 -0.61 -10.28 -14.15
CA ASN B 480 0.48 -10.08 -15.09
C ASN B 480 0.24 -10.76 -16.43
N LYS B 481 -0.12 -12.05 -16.39
CA LYS B 481 -0.43 -12.81 -17.60
C LYS B 481 -1.62 -12.26 -18.40
N LEU B 482 -2.73 -12.01 -17.73
CA LEU B 482 -3.92 -11.50 -18.39
C LEU B 482 -3.74 -10.14 -19.05
N SER B 483 -2.99 -9.25 -18.40
CA SER B 483 -2.77 -7.90 -18.93
C SER B 483 -1.69 -7.88 -20.02
N SER B 484 -0.97 -8.98 -20.14
CA SER B 484 0.14 -9.13 -21.09
C SER B 484 -0.25 -9.99 -22.25
N LYS B 485 -1.51 -10.42 -22.25
CA LYS B 485 -2.09 -11.26 -23.30
C LYS B 485 -1.44 -12.63 -23.40
N GLU B 486 -0.97 -13.15 -22.27
CA GLU B 486 -0.44 -14.52 -22.21
C GLU B 486 -1.48 -15.47 -21.67
N ASP B 487 -1.50 -16.69 -22.21
CA ASP B 487 -2.40 -17.74 -21.77
C ASP B 487 -2.24 -17.95 -20.27
N ALA B 488 -3.36 -18.15 -19.57
CA ALA B 488 -3.34 -18.26 -18.11
C ALA B 488 -4.16 -19.46 -17.63
N SER B 489 -4.51 -20.34 -18.56
CA SER B 489 -5.35 -21.50 -18.26
C SER B 489 -4.80 -22.39 -17.13
N ALA B 490 -3.48 -22.54 -17.06
CA ALA B 490 -2.87 -23.39 -16.06
C ALA B 490 -2.97 -22.74 -14.68
N LEU B 491 -2.70 -21.45 -14.60
CA LEU B 491 -2.79 -20.72 -13.34
C LEU B 491 -4.25 -20.60 -12.83
N ILE B 492 -5.17 -20.35 -13.76
CA ILE B 492 -6.59 -20.31 -13.43
C ILE B 492 -7.02 -21.64 -12.79
N GLU B 493 -6.72 -22.76 -13.45
CA GLU B 493 -6.97 -24.08 -12.90
C GLU B 493 -6.32 -24.30 -11.54
N GLU B 494 -5.05 -23.90 -11.43
CA GLU B 494 -4.32 -23.92 -10.17
C GLU B 494 -5.01 -23.13 -9.07
N LEU B 495 -5.45 -21.92 -9.38
CA LEU B 495 -6.11 -21.06 -8.39
C LEU B 495 -7.48 -21.57 -7.93
N TYR B 496 -8.26 -22.17 -8.83
CA TYR B 496 -9.53 -22.80 -8.46
C TYR B 496 -9.30 -23.85 -7.38
N GLY B 497 -8.26 -24.65 -7.54
CA GLY B 497 -7.92 -25.69 -6.56
C GLY B 497 -7.49 -25.13 -5.22
N GLU B 498 -6.76 -24.02 -5.25
CA GLU B 498 -6.34 -23.33 -4.02
C GLU B 498 -7.54 -22.79 -3.23
N PHE B 499 -8.48 -22.19 -3.96
CA PHE B 499 -9.68 -21.61 -3.35
C PHE B 499 -10.64 -22.67 -2.86
N ALA B 500 -10.82 -23.74 -3.64
CA ALA B 500 -11.56 -24.94 -3.19
C ALA B 500 -10.95 -25.55 -1.91
N ARG B 501 -9.63 -25.59 -1.85
CA ARG B 501 -8.89 -26.09 -0.71
C ARG B 501 -9.04 -25.25 0.58
N MET B 502 -9.13 -23.92 0.46
CA MET B 502 -9.41 -23.04 1.62
C MET B 502 -10.74 -23.42 2.23
N GLU B 503 -11.76 -23.55 1.38
CA GLU B 503 -13.09 -23.93 1.79
C GLU B 503 -13.11 -25.31 2.44
N GLU B 504 -12.42 -26.26 1.82
CA GLU B 504 -12.41 -27.66 2.26
C GLU B 504 -11.77 -27.82 3.64
N ALA B 505 -10.57 -27.24 3.79
CA ALA B 505 -9.85 -27.22 5.05
C ALA B 505 -10.66 -26.56 6.17
N CYS B 506 -11.24 -25.40 5.90
CA CYS B 506 -12.04 -24.65 6.89
C CYS B 506 -13.30 -25.37 7.29
N ASN B 507 -13.98 -26.00 6.34
CA ASN B 507 -15.11 -26.89 6.63
C ASN B 507 -14.74 -28.08 7.51
N ASN B 508 -13.61 -28.75 7.23
CA ASN B 508 -13.12 -29.83 8.10
C ASN B 508 -12.80 -29.35 9.52
N LEU B 509 -12.24 -28.14 9.63
CA LEU B 509 -11.92 -27.54 10.92
C LEU B 509 -13.18 -27.21 11.74
N LYS B 510 -14.20 -26.67 11.08
CA LYS B 510 -15.50 -26.41 11.71
C LYS B 510 -16.13 -27.68 12.26
N ALA B 511 -15.87 -28.80 11.58
CA ALA B 511 -16.44 -30.08 11.98
C ALA B 511 -15.61 -30.84 13.00
N ASN B 512 -14.30 -30.60 13.05
CA ASN B 512 -13.40 -31.46 13.84
C ASN B 512 -12.46 -30.80 14.87
N LEU B 513 -12.33 -29.48 14.84
CA LEU B 513 -11.59 -28.78 15.90
C LEU B 513 -12.23 -29.02 17.26
N PRO B 514 -11.42 -29.31 18.31
CA PRO B 514 -11.90 -29.22 19.70
C PRO B 514 -12.64 -27.92 19.98
N GLU B 515 -13.63 -27.97 20.87
CA GLU B 515 -14.44 -26.78 21.20
C GLU B 515 -13.59 -25.58 21.66
N VAL B 516 -12.54 -25.85 22.40
CA VAL B 516 -11.65 -24.82 22.96
C VAL B 516 -11.02 -23.93 21.86
N ALA B 517 -10.57 -24.56 20.78
CA ALA B 517 -10.03 -23.84 19.64
C ALA B 517 -11.13 -23.22 18.80
N LEU B 518 -12.19 -23.99 18.56
CA LEU B 518 -13.31 -23.55 17.71
C LEU B 518 -14.00 -22.26 18.20
N GLU B 519 -14.21 -22.13 19.50
CA GLU B 519 -14.89 -20.97 20.08
C GLU B 519 -14.14 -19.66 19.86
N GLU B 520 -12.85 -19.79 19.59
CA GLU B 520 -11.96 -18.66 19.34
C GLU B 520 -11.89 -18.26 17.87
N CYS B 521 -12.11 -19.21 16.96
CA CYS B 521 -11.94 -18.95 15.51
C CYS B 521 -13.15 -19.23 14.60
N SER B 522 -14.31 -19.56 15.16
CA SER B 522 -15.44 -19.97 14.32
C SER B 522 -15.81 -18.92 13.27
N ARG B 523 -15.81 -17.65 13.65
CA ARG B 523 -16.19 -16.57 12.74
C ARG B 523 -15.16 -16.31 11.63
N GLN B 524 -13.89 -16.52 11.95
CA GLN B 524 -12.81 -16.34 10.97
C GLN B 524 -12.74 -17.49 9.96
N LEU B 525 -13.06 -18.70 10.40
CA LEU B 525 -13.25 -19.85 9.50
C LEU B 525 -14.33 -19.55 8.46
N ASP B 526 -15.51 -19.15 8.95
CA ASP B 526 -16.63 -18.75 8.09
C ASP B 526 -16.23 -17.66 7.12
N GLU B 527 -15.47 -16.68 7.62
CA GLU B 527 -14.96 -15.56 6.85
C GLU B 527 -14.06 -16.06 5.73
N LEU B 528 -13.15 -16.98 6.03
CA LEU B 528 -12.26 -17.50 4.98
C LEU B 528 -13.02 -18.32 3.92
N ILE B 529 -14.04 -19.07 4.35
CA ILE B 529 -14.93 -19.77 3.40
C ILE B 529 -15.62 -18.77 2.49
N THR B 530 -16.23 -17.71 3.06
CA THR B 530 -16.90 -16.67 2.28
C THR B 530 -15.95 -16.05 1.24
N LEU B 531 -14.71 -15.77 1.65
CA LEU B 531 -13.72 -15.14 0.77
C LEU B 531 -13.29 -16.09 -0.33
N ALA B 532 -13.05 -17.35 0.01
CA ALA B 532 -12.75 -18.40 -0.96
C ALA B 532 -13.82 -18.55 -2.03
N GLN B 533 -15.07 -18.46 -1.60
CA GLN B 533 -16.23 -18.50 -2.48
C GLN B 533 -16.26 -17.29 -3.39
N GLY B 534 -15.90 -16.13 -2.84
CA GLY B 534 -15.72 -14.89 -3.63
C GLY B 534 -14.55 -14.96 -4.59
N ASP B 535 -13.46 -15.60 -4.16
CA ASP B 535 -12.28 -15.83 -5.00
C ASP B 535 -12.56 -16.72 -6.22
N LYS B 536 -13.32 -17.78 -5.98
CA LYS B 536 -13.80 -18.66 -7.01
C LYS B 536 -14.67 -17.92 -8.03
N ALA B 537 -15.62 -17.12 -7.52
CA ALA B 537 -16.48 -16.31 -8.37
C ALA B 537 -15.72 -15.28 -9.18
N SER B 538 -14.61 -14.79 -8.61
CA SER B 538 -13.73 -13.84 -9.29
C SER B 538 -13.10 -14.51 -10.51
N LEU B 539 -12.64 -15.74 -10.32
CA LEU B 539 -12.15 -16.57 -11.42
C LEU B 539 -13.23 -16.82 -12.45
N ASP B 540 -14.45 -17.11 -12.00
CA ASP B 540 -15.61 -17.25 -12.90
C ASP B 540 -15.85 -16.00 -13.75
N MET B 541 -15.67 -14.81 -13.17
CA MET B 541 -15.77 -13.56 -13.94
C MET B 541 -14.66 -13.48 -15.00
N ILE B 542 -13.47 -13.93 -14.65
CA ILE B 542 -12.36 -13.86 -15.61
C ILE B 542 -12.60 -14.81 -16.78
N VAL B 543 -12.97 -16.06 -16.46
CA VAL B 543 -13.24 -17.05 -17.50
C VAL B 543 -14.42 -16.62 -18.38
N ALA B 544 -15.44 -16.01 -17.76
CA ALA B 544 -16.59 -15.53 -18.53
C ALA B 544 -16.23 -14.41 -19.51
N GLN B 545 -15.28 -13.55 -19.13
CA GLN B 545 -14.83 -12.51 -20.04
C GLN B 545 -14.02 -13.12 -21.19
N LEU B 546 -13.19 -14.11 -20.84
CA LEU B 546 -12.41 -14.88 -21.81
C LEU B 546 -13.32 -15.59 -22.82
N ASN B 547 -14.44 -16.12 -22.34
CA ASN B 547 -15.42 -16.77 -23.20
C ASN B 547 -16.40 -15.81 -23.86
N GLU B 548 -16.29 -14.52 -23.53
CA GLU B 548 -17.23 -13.49 -23.96
C GLU B 548 -18.69 -13.77 -23.57
N ASP B 549 -18.87 -14.34 -22.37
CA ASP B 549 -20.17 -14.77 -21.89
C ASP B 549 -20.75 -13.77 -20.89
N THR B 550 -21.56 -12.84 -21.40
CA THR B 550 -22.08 -11.71 -20.63
C THR B 550 -22.97 -12.14 -19.44
N GLU B 551 -23.86 -13.11 -19.68
CA GLU B 551 -24.71 -13.73 -18.64
C GLU B 551 -23.88 -14.33 -17.51
N ALA B 552 -22.93 -15.19 -17.85
CA ALA B 552 -22.08 -15.84 -16.86
C ALA B 552 -21.24 -14.82 -16.08
N TYR B 553 -20.86 -13.73 -16.74
CA TYR B 553 -20.04 -12.69 -16.10
C TYR B 553 -20.86 -11.98 -15.03
N GLU B 554 -22.06 -11.55 -15.40
CA GLU B 554 -22.94 -10.85 -14.45
C GLU B 554 -23.33 -11.72 -13.26
N SER B 555 -23.55 -13.00 -13.48
CA SER B 555 -23.88 -13.96 -12.43
CA SER B 555 -23.90 -13.92 -12.40
C SER B 555 -22.73 -14.14 -11.43
N ALA B 556 -21.51 -14.22 -11.95
CA ALA B 556 -20.30 -14.39 -11.14
C ALA B 556 -19.97 -13.13 -10.34
N LYS B 557 -20.02 -11.99 -11.02
CA LYS B 557 -19.89 -10.66 -10.42
C LYS B 557 -20.83 -10.42 -9.24
N GLU B 558 -22.09 -10.82 -9.40
CA GLU B 558 -23.07 -10.71 -8.32
C GLU B 558 -22.59 -11.50 -7.10
N ILE B 559 -22.12 -12.72 -7.32
CA ILE B 559 -21.61 -13.53 -6.22
C ILE B 559 -20.33 -12.96 -5.60
N ALA B 560 -19.36 -12.59 -6.42
CA ALA B 560 -18.13 -12.01 -5.93
C ALA B 560 -18.38 -10.77 -5.05
N GLN B 561 -19.29 -9.90 -5.48
CA GLN B 561 -19.64 -8.69 -4.72
C GLN B 561 -20.36 -9.00 -3.40
N ASN B 562 -21.32 -9.92 -3.44
CA ASN B 562 -22.03 -10.33 -2.24
CA ASN B 562 -22.03 -10.41 -2.26
C ASN B 562 -21.05 -10.90 -1.20
N LYS B 563 -20.15 -11.80 -1.63
CA LYS B 563 -19.16 -12.39 -0.73
C LYS B 563 -18.17 -11.35 -0.14
N LEU B 564 -17.70 -10.43 -0.99
CA LEU B 564 -16.92 -9.30 -0.50
C LEU B 564 -17.70 -8.45 0.51
N ASN B 565 -18.92 -8.08 0.15
CA ASN B 565 -19.77 -7.32 1.08
C ASN B 565 -19.99 -7.98 2.43
N THR B 566 -20.18 -9.30 2.45
CA THR B 566 -20.34 -9.97 3.76
C THR B 566 -19.06 -9.99 4.60
N ALA B 567 -17.91 -10.17 3.97
CA ALA B 567 -16.63 -10.08 4.68
C ALA B 567 -16.39 -8.68 5.22
N LEU B 568 -16.68 -7.67 4.41
CA LEU B 568 -16.50 -6.30 4.86
C LEU B 568 -17.42 -5.93 6.03
N SER B 569 -18.63 -6.48 6.04
CA SER B 569 -19.60 -6.23 7.11
C SER B 569 -19.42 -7.02 8.40
N SER B 570 -18.72 -8.15 8.35
CA SER B 570 -18.66 -8.99 9.52
C SER B 570 -17.53 -8.57 10.44
N PHE B 571 -17.68 -8.88 11.73
CA PHE B 571 -16.67 -8.56 12.74
C PHE B 571 -15.31 -9.22 12.40
N ALA B 572 -15.33 -10.46 11.92
CA ALA B 572 -14.11 -11.20 11.64
C ALA B 572 -13.29 -10.56 10.54
N VAL B 573 -11.96 -10.68 10.63
CA VAL B 573 -11.09 -10.15 9.59
C VAL B 573 -10.03 -11.18 9.29
N ILE B 574 -9.79 -11.43 8.01
CA ILE B 574 -8.78 -12.39 7.59
C ILE B 574 -8.33 -12.04 6.18
N SER B 575 -7.06 -12.29 5.89
CA SER B 575 -6.55 -12.26 4.51
C SER B 575 -6.89 -10.99 3.73
N GLU B 576 -6.88 -9.83 4.40
CA GLU B 576 -7.26 -8.56 3.74
C GLU B 576 -6.58 -8.34 2.41
N LYS B 577 -5.27 -8.56 2.37
CA LYS B 577 -4.45 -8.19 1.21
C LYS B 577 -4.32 -9.31 0.22
N VAL B 578 -4.96 -10.43 0.49
CA VAL B 578 -4.81 -11.61 -0.35
C VAL B 578 -6.21 -12.08 -0.80
N ALA B 579 -6.86 -12.94 -0.02
CA ALA B 579 -8.20 -13.44 -0.39
C ALA B 579 -9.24 -12.32 -0.53
N GLN B 580 -9.19 -11.32 0.35
CA GLN B 580 -10.16 -10.23 0.28
C GLN B 580 -9.83 -9.32 -0.90
N SER B 581 -8.58 -8.84 -0.95
CA SER B 581 -8.16 -7.93 -2.01
C SER B 581 -8.34 -8.49 -3.42
N PHE B 582 -8.22 -9.81 -3.58
CA PHE B 582 -8.32 -10.44 -4.90
C PHE B 582 -9.68 -10.19 -5.57
N ILE B 583 -10.74 -10.22 -4.77
CA ILE B 583 -12.09 -9.94 -5.25
C ILE B 583 -12.21 -8.51 -5.75
N GLN B 584 -11.75 -7.56 -4.94
CA GLN B 584 -11.70 -6.15 -5.32
C GLN B 584 -10.93 -6.00 -6.63
N GLU B 585 -9.75 -6.62 -6.71
CA GLU B 585 -8.96 -6.64 -7.95
C GLU B 585 -9.74 -7.14 -9.17
N ALA B 586 -10.42 -8.29 -9.03
CA ALA B 586 -11.16 -8.91 -10.15
C ALA B 586 -12.38 -8.10 -10.54
N LEU B 587 -13.08 -7.56 -9.54
CA LEU B 587 -14.21 -6.67 -9.78
C LEU B 587 -13.81 -5.45 -10.62
N SER B 588 -12.67 -4.84 -10.30
CA SER B 588 -12.17 -3.70 -11.08
C SER B 588 -11.50 -4.06 -12.42
N PHE B 589 -11.32 -5.36 -12.67
CA PHE B 589 -10.62 -5.80 -13.88
C PHE B 589 -11.56 -5.98 -15.07
N ASP B 590 -11.11 -5.58 -16.25
CA ASP B 590 -11.92 -5.65 -17.46
C ASP B 590 -11.06 -6.12 -18.64
N LEU B 591 -11.25 -7.39 -19.02
CA LEU B 591 -10.47 -8.05 -20.08
C LEU B 591 -10.56 -7.36 -21.43
N THR B 592 -11.71 -6.74 -21.71
CA THR B 592 -12.00 -6.18 -23.03
C THR B 592 -11.13 -4.97 -23.36
N LEU B 593 -10.45 -4.45 -22.35
CA LEU B 593 -9.62 -3.28 -22.52
C LEU B 593 -8.17 -3.64 -22.86
N ILE B 594 -7.86 -4.94 -22.78
CA ILE B 594 -6.51 -5.43 -23.00
C ILE B 594 -6.22 -5.75 -24.47
CA CA C . -17.49 3.30 -5.07
CA CA D . 1.70 36.35 -45.07
AS CAC E . 5.92 13.76 -6.44
O1 CAC E . 5.85 12.04 -6.72
O2 CAC E . 4.89 14.57 -7.59
C1 CAC E . 5.33 14.14 -4.60
C2 CAC E . 7.77 14.36 -6.64
AS CAC F . -6.90 1.83 -22.81
O1 CAC F . -8.06 0.88 -21.92
O2 CAC F . -7.71 2.97 -23.85
C1 CAC F . -5.79 2.76 -21.50
C2 CAC F . -5.79 0.61 -23.89
AS CAC G . -13.59 -0.34 18.62
O1 CAC G . -13.84 -1.98 19.19
O2 CAC G . -15.04 0.19 17.79
C1 CAC G . -13.28 0.85 20.16
C2 CAC G . -12.03 -0.27 17.42
NA NA H . -12.67 3.87 16.30
CA CA I . -14.81 -7.88 8.34
CA CA J . 19.62 -33.48 43.56
AS CAC K . 10.59 -12.18 4.57
O1 CAC K . 9.50 -12.76 5.78
O2 CAC K . 9.69 -11.82 3.12
C1 CAC K . 11.51 -10.56 5.19
C2 CAC K . 11.90 -13.59 4.16
AS CAC L . -1.18 -3.08 23.17
O1 CAC L . -1.55 -4.16 24.48
O2 CAC L . -2.61 -2.31 22.55
C1 CAC L . 0.02 -1.70 23.82
C2 CAC L . -0.34 -4.08 21.70
NA NA M . -14.38 -7.56 -13.61
#